data_4EO6
#
_entry.id   4EO6
#
_cell.length_a   85.833
_cell.length_b   105.714
_cell.length_c   127.016
_cell.angle_alpha   90.00
_cell.angle_beta   90.00
_cell.angle_gamma   90.00
#
_symmetry.space_group_name_H-M   'P 21 21 21'
#
loop_
_entity.id
_entity.type
_entity.pdbx_description
1 polymer 'RNA-directed RNA polymerase'
2 non-polymer '5-(3,3-dimethylbut-1-yn-1-yl)-3-{[(trans-4-methylcyclohexyl)carbonyl](propan-2-yl)amino}thiophene-2-carboxylic acid'
3 water water
#
_entity_poly.entity_id   1
_entity_poly.type   'polypeptide(L)'
_entity_poly.pdbx_seq_one_letter_code
;MASHHHHHHSYTWTGALITPCAAEESKLPINALSNSLLRHHNMVYATTSRSAGLRQKKVTFDRLQVLDDHYRDVLKEMKA
KASTVKAKLLSVEEACKLTPPHSAKSKFGYGAKDVRNLSSKAVNHIHSVWKDLLEDTVTPIDTTIMAKNEVFCVQPEKGG
RKPARLIVFPDLGVRVCEKMALYDVVSTLPQVVMGSSYGFQYSPGQRVEFLVNTWKSKKNPMGFSYDTRCFDSTVTENDI
RVEESIYQCCDLAPEARQAIKSLTERLYIGGPLTNSKGQNCGYRRCRASGVLTTSCGNTLTCYLKASAACRAAKLQDCTM
LVNGDDLVVICESAGVQEDAASLRAFTEAMTRYSAPPGDPPQPEYDLELITSCSSNVSVAHDASGKRVYYLTRDPTTPLA
RAAWETARHTPVNSWLGNIIMYAPTLWARMILMTHFFSILLAQEQLEKALDCQIYGACYSIEPLDLPQIIERLHGLSAFS
LHSYSPGEINRVASCLRKLGVPPLRVWRHRARSVRARLLSQGGRAATCGKYLFNWAVKTKLKLTPIPAASQLDLSGWFVA
GYSGGDIYHSLSRARPR
;
_entity_poly.pdbx_strand_id   A,B
#
loop_
_chem_comp.id
_chem_comp.type
_chem_comp.name
_chem_comp.formula
0S2 non-polymer '5-(3,3-dimethylbut-1-yn-1-yl)-3-{[(trans-4-methylcyclohexyl)carbonyl](propan-2-yl)amino}thiophene-2-carboxylic acid' 'C22 H31 N O3 S'
#
# COMPACT_ATOMS: atom_id res chain seq x y z
N HIS A 8 2.75 6.61 16.51
CA HIS A 8 1.97 7.20 15.43
C HIS A 8 1.14 8.39 15.92
N HIS A 9 1.79 9.28 16.66
CA HIS A 9 1.16 10.50 17.14
C HIS A 9 0.81 11.45 15.98
N SER A 10 -0.34 12.10 16.05
CA SER A 10 -0.71 13.09 15.06
C SER A 10 0.25 14.28 15.10
N TYR A 11 0.64 14.67 16.31
CA TYR A 11 1.58 15.76 16.53
C TYR A 11 2.54 15.43 17.67
N THR A 12 3.71 16.04 17.65
CA THR A 12 4.55 16.17 18.83
C THR A 12 4.87 17.65 19.02
N TRP A 13 5.16 18.03 20.26
CA TRP A 13 5.23 19.45 20.60
C TRP A 13 6.47 19.74 21.42
N THR A 14 7.09 20.89 21.18
CA THR A 14 8.27 21.29 21.92
C THR A 14 7.93 22.01 23.21
N GLY A 15 6.73 22.58 23.28
CA GLY A 15 6.39 23.46 24.40
C GLY A 15 6.35 24.94 24.04
N ALA A 16 7.00 25.32 22.96
CA ALA A 16 6.89 26.70 22.48
C ALA A 16 5.43 27.00 22.16
N LEU A 17 5.01 28.24 22.38
CA LEU A 17 3.62 28.63 22.20
C LEU A 17 3.26 28.88 20.75
N ILE A 18 2.00 28.66 20.41
CA ILE A 18 1.47 29.12 19.13
C ILE A 18 1.12 30.59 19.29
N THR A 19 1.81 31.44 18.54
CA THR A 19 1.79 32.88 18.79
C THR A 19 1.00 33.63 17.73
N PRO A 20 0.45 34.79 18.10
CA PRO A 20 -0.26 35.61 17.11
C PRO A 20 0.70 36.43 16.25
N CYS A 21 0.23 36.88 15.09
CA CYS A 21 1.05 37.70 14.20
C CYS A 21 0.54 39.13 14.20
N ALA A 22 -0.42 39.42 15.06
CA ALA A 22 -1.05 40.72 15.14
C ALA A 22 -1.98 40.76 16.36
N ALA A 23 -2.43 41.96 16.71
CA ALA A 23 -3.37 42.13 17.82
C ALA A 23 -4.62 41.26 17.60
N GLU A 24 -5.10 40.61 18.65
CA GLU A 24 -6.31 39.78 18.55
C GLU A 24 -7.41 40.29 19.47
N GLU A 25 -8.62 40.43 18.93
CA GLU A 25 -9.79 40.78 19.72
C GLU A 25 -10.69 39.57 19.93
N SER A 26 -11.21 39.41 21.14
CA SER A 26 -12.16 38.32 21.39
C SER A 26 -13.59 38.83 21.58
N LYS A 27 -13.73 40.03 22.11
CA LYS A 27 -15.06 40.58 22.39
C LYS A 27 -15.62 41.24 21.14
N LEU A 28 -16.92 41.06 20.90
CA LEU A 28 -17.57 41.67 19.76
C LEU A 28 -17.42 43.19 19.77
N PRO A 29 -16.75 43.75 18.75
CA PRO A 29 -16.67 45.21 18.66
C PRO A 29 -18.03 45.82 18.33
N ILE A 30 -18.30 46.97 18.93
CA ILE A 30 -19.60 47.63 18.79
C ILE A 30 -19.48 48.99 18.13
N ASN A 31 -20.36 49.28 17.17
CA ASN A 31 -20.48 50.64 16.68
C ASN A 31 -21.93 51.09 16.67
N ALA A 32 -22.24 52.17 15.98
CA ALA A 32 -23.59 52.75 16.00
C ALA A 32 -24.61 51.88 15.28
N LEU A 33 -24.11 50.95 14.47
CA LEU A 33 -24.97 50.08 13.66
C LEU A 33 -25.27 48.75 14.35
N SER A 34 -24.47 48.37 15.32
CA SER A 34 -24.56 47.04 15.93
C SER A 34 -25.96 46.69 16.42
N ASN A 35 -26.58 47.59 17.18
CA ASN A 35 -27.89 47.34 17.77
C ASN A 35 -29.02 47.11 16.76
N SER A 36 -28.86 47.65 15.57
CA SER A 36 -29.90 47.45 14.56
C SER A 36 -29.95 45.97 14.14
N LEU A 37 -28.86 45.24 14.36
CA LEU A 37 -28.82 43.81 14.02
C LEU A 37 -29.06 42.93 15.25
N LEU A 38 -28.34 43.18 16.35
CA LEU A 38 -28.56 42.40 17.57
C LEU A 38 -28.19 43.11 18.88
N ARG A 39 -28.91 42.77 19.94
CA ARG A 39 -28.73 43.42 21.22
C ARG A 39 -27.85 42.64 22.17
N HIS A 40 -27.85 41.31 22.04
CA HIS A 40 -27.12 40.46 22.99
C HIS A 40 -25.67 40.25 22.59
N HIS A 41 -24.89 41.32 22.73
CA HIS A 41 -23.52 41.37 22.25
C HIS A 41 -22.59 40.36 22.93
N ASN A 42 -22.86 40.04 24.19
CA ASN A 42 -21.98 39.16 24.95
C ASN A 42 -22.02 37.73 24.48
N MET A 43 -22.96 37.42 23.59
CA MET A 43 -23.11 36.08 23.08
C MET A 43 -22.16 35.79 21.92
N VAL A 44 -21.57 36.85 21.38
CA VAL A 44 -20.69 36.71 20.22
C VAL A 44 -19.24 36.87 20.65
N TYR A 45 -18.38 36.00 20.15
CA TYR A 45 -16.96 36.07 20.48
C TYR A 45 -16.14 35.62 19.28
N ALA A 46 -14.86 35.98 19.29
CA ALA A 46 -13.90 35.41 18.35
C ALA A 46 -12.88 34.56 19.09
N THR A 47 -12.44 33.50 18.45
CA THR A 47 -11.37 32.68 19.01
C THR A 47 -10.03 33.40 18.84
N THR A 48 -9.09 33.13 19.74
CA THR A 48 -7.75 33.70 19.65
C THR A 48 -6.71 32.65 20.03
N SER A 49 -5.43 33.02 19.86
CA SER A 49 -4.32 32.14 20.18
C SER A 49 -4.27 31.79 21.68
N ARG A 50 -5.00 32.54 22.50
CA ARG A 50 -5.04 32.23 23.94
C ARG A 50 -5.58 30.84 24.23
N SER A 51 -6.37 30.30 23.31
CA SER A 51 -6.96 28.98 23.49
C SER A 51 -6.25 27.88 22.70
N ALA A 52 -5.15 28.23 22.05
CA ALA A 52 -4.44 27.27 21.18
C ALA A 52 -4.03 26.00 21.92
N GLY A 53 -3.60 26.14 23.18
CA GLY A 53 -3.23 24.99 24.00
C GLY A 53 -4.33 23.96 24.17
N LEU A 54 -5.56 24.44 24.37
CA LEU A 54 -6.71 23.55 24.46
C LEU A 54 -6.92 22.80 23.16
N ARG A 55 -6.74 23.49 22.04
CA ARG A 55 -6.89 22.85 20.74
C ARG A 55 -5.78 21.82 20.52
N GLN A 56 -4.54 22.18 20.87
CA GLN A 56 -3.42 21.26 20.74
C GLN A 56 -3.71 19.93 21.44
N LYS A 57 -4.31 20.03 22.62
CA LYS A 57 -4.65 18.83 23.39
C LYS A 57 -5.69 17.98 22.68
N LYS A 58 -6.66 18.63 22.05
CA LYS A 58 -7.72 17.88 21.37
C LYS A 58 -7.20 17.18 20.12
N VAL A 59 -6.31 17.83 19.41
CA VAL A 59 -5.90 17.35 18.08
C VAL A 59 -4.73 16.35 18.15
N THR A 60 -4.19 16.15 19.35
CA THR A 60 -3.01 15.31 19.54
C THR A 60 -3.39 13.95 20.12
N PHE A 61 -3.21 12.90 19.32
CA PHE A 61 -3.50 11.54 19.75
C PHE A 61 -2.84 10.50 18.86
N ASP A 62 -2.74 9.27 19.34
CA ASP A 62 -2.14 8.20 18.55
C ASP A 62 -3.17 7.62 17.61
N ARG A 63 -2.74 7.26 16.41
CA ARG A 63 -3.64 6.68 15.43
C ARG A 63 -3.28 5.23 15.22
N LEU A 64 -4.30 4.39 15.11
CA LEU A 64 -4.10 2.99 14.74
C LEU A 64 -4.97 2.73 13.54
N GLN A 65 -4.48 1.89 12.65
CA GLN A 65 -5.19 1.62 11.42
C GLN A 65 -5.12 0.15 11.06
N VAL A 66 -6.28 -0.46 10.85
CA VAL A 66 -6.38 -1.84 10.44
C VAL A 66 -7.10 -1.90 9.11
N LEU A 67 -6.37 -2.25 8.05
CA LEU A 67 -6.90 -2.16 6.70
C LEU A 67 -7.22 -3.54 6.15
N ASP A 68 -8.47 -3.73 5.76
CA ASP A 68 -8.95 -5.03 5.32
C ASP A 68 -9.20 -5.10 3.82
N ASP A 69 -9.81 -6.18 3.37
CA ASP A 69 -10.05 -6.37 1.94
C ASP A 69 -11.07 -5.39 1.35
N HIS A 70 -12.07 -4.98 2.13
CA HIS A 70 -13.03 -4.00 1.61
C HIS A 70 -12.34 -2.68 1.26
N TYR A 71 -11.42 -2.27 2.12
CA TYR A 71 -10.63 -1.06 1.92
C TYR A 71 -9.83 -1.14 0.62
N ARG A 72 -9.07 -2.22 0.44
CA ARG A 72 -8.25 -2.38 -0.76
C ARG A 72 -9.07 -2.57 -2.04
N ASP A 73 -10.23 -3.23 -1.91
CA ASP A 73 -11.16 -3.37 -3.03
C ASP A 73 -11.66 -2.02 -3.54
N VAL A 74 -12.10 -1.16 -2.61
CA VAL A 74 -12.57 0.17 -2.99
C VAL A 74 -11.45 1.02 -3.58
N LEU A 75 -10.28 0.97 -2.95
CA LEU A 75 -9.12 1.68 -3.47
C LEU A 75 -8.82 1.26 -4.91
N LYS A 76 -8.85 -0.03 -5.21
CA LYS A 76 -8.56 -0.47 -6.56
C LYS A 76 -9.54 0.15 -7.57
N GLU A 77 -10.81 0.18 -7.20
CA GLU A 77 -11.85 0.78 -8.04
C GLU A 77 -11.60 2.27 -8.24
N MET A 78 -11.17 2.95 -7.17
CA MET A 78 -10.92 4.38 -7.28
C MET A 78 -9.75 4.64 -8.20
N LYS A 79 -8.71 3.82 -8.07
CA LYS A 79 -7.54 3.94 -8.92
C LYS A 79 -7.87 3.70 -10.40
N ALA A 80 -8.78 2.76 -10.66
CA ALA A 80 -9.20 2.48 -12.04
C ALA A 80 -9.83 3.70 -12.70
N LYS A 81 -10.70 4.40 -11.96
CA LYS A 81 -11.27 5.66 -12.43
C LYS A 81 -10.19 6.74 -12.60
N ALA A 82 -9.28 6.84 -11.63
CA ALA A 82 -8.26 7.87 -11.63
C ALA A 82 -7.35 7.71 -12.85
N SER A 83 -7.19 6.48 -13.32
CA SER A 83 -6.34 6.22 -14.47
C SER A 83 -6.88 6.80 -15.77
N THR A 84 -8.15 7.19 -15.78
CA THR A 84 -8.73 7.84 -16.96
C THR A 84 -8.47 9.35 -17.00
N VAL A 85 -7.93 9.92 -15.91
CA VAL A 85 -7.72 11.36 -15.84
C VAL A 85 -6.42 11.80 -16.49
N LYS A 86 -6.47 12.83 -17.33
CA LYS A 86 -5.26 13.46 -17.85
C LYS A 86 -5.15 14.86 -17.27
N ALA A 87 -4.02 15.18 -16.65
CA ALA A 87 -3.87 16.47 -16.00
C ALA A 87 -2.60 17.17 -16.44
N LYS A 88 -2.61 18.50 -16.46
CA LYS A 88 -1.47 19.26 -16.96
C LYS A 88 -0.86 20.12 -15.87
N LEU A 89 0.42 20.43 -16.04
CA LEU A 89 1.08 21.42 -15.21
C LEU A 89 0.54 22.80 -15.54
N LEU A 90 0.38 23.64 -14.52
CA LEU A 90 0.15 25.05 -14.74
C LEU A 90 1.49 25.75 -14.96
N SER A 91 1.49 26.76 -15.84
CA SER A 91 2.63 27.65 -15.98
C SER A 91 2.80 28.49 -14.72
N VAL A 92 4.00 29.04 -14.52
CA VAL A 92 4.23 29.93 -13.39
C VAL A 92 3.20 31.06 -13.40
N GLU A 93 2.97 31.66 -14.56
CA GLU A 93 2.01 32.76 -14.64
C GLU A 93 0.59 32.35 -14.26
N GLU A 94 0.15 31.18 -14.73
CA GLU A 94 -1.18 30.69 -14.41
C GLU A 94 -1.33 30.49 -12.90
N ALA A 95 -0.28 29.93 -12.29
CA ALA A 95 -0.28 29.68 -10.86
C ALA A 95 -0.25 31.00 -10.09
N CYS A 96 0.54 31.95 -10.58
CA CYS A 96 0.58 33.26 -9.93
C CYS A 96 -0.80 33.91 -9.92
N LYS A 97 -1.52 33.79 -11.04
CA LYS A 97 -2.82 34.47 -11.16
C LYS A 97 -3.91 33.88 -10.26
N LEU A 98 -3.66 32.68 -9.72
CA LEU A 98 -4.59 32.06 -8.79
C LEU A 98 -4.33 32.47 -7.34
N THR A 99 -3.27 33.24 -7.12
CA THR A 99 -2.92 33.66 -5.77
C THR A 99 -3.80 34.85 -5.32
N PRO A 100 -4.42 34.73 -4.12
CA PRO A 100 -5.21 35.86 -3.60
C PRO A 100 -4.35 37.10 -3.32
N PRO A 101 -4.85 38.29 -3.72
CA PRO A 101 -4.12 39.55 -3.52
C PRO A 101 -3.60 39.75 -2.10
N HIS A 102 -4.27 39.19 -1.10
CA HIS A 102 -3.87 39.38 0.29
C HIS A 102 -3.36 38.10 0.96
N SER A 103 -2.90 37.16 0.16
CA SER A 103 -2.29 35.94 0.65
C SER A 103 -1.03 36.28 1.44
N ALA A 104 -0.68 35.45 2.42
CA ALA A 104 0.45 35.75 3.29
C ALA A 104 1.77 35.88 2.51
N LYS A 105 2.51 36.96 2.75
CA LYS A 105 3.78 37.20 2.04
C LYS A 105 4.81 36.10 2.30
N SER A 106 5.77 35.97 1.38
CA SER A 106 6.86 35.01 1.55
C SER A 106 7.85 35.50 2.60
N LYS A 107 8.55 34.58 3.25
CA LYS A 107 9.62 34.98 4.14
C LYS A 107 10.87 35.34 3.34
N PHE A 108 10.78 35.23 2.02
CA PHE A 108 11.95 35.43 1.16
C PHE A 108 11.89 36.70 0.33
N GLY A 109 11.26 37.73 0.86
CA GLY A 109 11.40 39.07 0.31
C GLY A 109 10.41 39.52 -0.75
N TYR A 110 9.26 38.85 -0.85
CA TYR A 110 8.21 39.29 -1.77
C TYR A 110 6.83 38.90 -1.23
N GLY A 111 5.78 39.52 -1.77
CA GLY A 111 4.43 39.28 -1.30
C GLY A 111 3.48 38.84 -2.40
N ALA A 112 2.22 38.64 -2.03
CA ALA A 112 1.20 38.16 -2.97
C ALA A 112 1.01 39.09 -4.16
N LYS A 113 1.13 40.40 -3.94
CA LYS A 113 1.02 41.36 -5.04
C LYS A 113 2.18 41.20 -6.01
N ASP A 114 3.36 40.89 -5.48
CA ASP A 114 4.52 40.67 -6.32
C ASP A 114 4.33 39.41 -7.14
N VAL A 115 3.79 38.38 -6.51
CA VAL A 115 3.48 37.15 -7.23
C VAL A 115 2.49 37.44 -8.37
N ARG A 116 1.40 38.13 -8.05
CA ARG A 116 0.35 38.40 -9.03
C ARG A 116 0.83 39.27 -10.19
N ASN A 117 1.80 40.15 -9.91
CA ASN A 117 2.38 41.02 -10.94
C ASN A 117 3.54 40.36 -11.70
N LEU A 118 3.82 39.10 -11.39
CA LEU A 118 4.93 38.38 -11.99
C LEU A 118 6.26 39.12 -11.83
N SER A 119 6.50 39.70 -10.66
CA SER A 119 7.77 40.40 -10.40
C SER A 119 8.97 39.46 -10.51
N SER A 120 10.10 39.99 -10.96
CA SER A 120 11.29 39.18 -11.16
C SER A 120 11.72 38.45 -9.90
N LYS A 121 11.69 39.15 -8.78
CA LYS A 121 12.08 38.55 -7.51
C LYS A 121 11.20 37.35 -7.18
N ALA A 122 9.90 37.52 -7.31
CA ALA A 122 8.95 36.46 -6.97
C ALA A 122 9.09 35.26 -7.91
N VAL A 123 9.11 35.54 -9.21
CA VAL A 123 9.20 34.47 -10.22
C VAL A 123 10.52 33.72 -10.14
N ASN A 124 11.61 34.44 -9.91
CA ASN A 124 12.89 33.80 -9.69
C ASN A 124 12.87 32.87 -8.49
N HIS A 125 12.25 33.30 -7.39
CA HIS A 125 12.21 32.45 -6.19
C HIS A 125 11.34 31.21 -6.42
N ILE A 126 10.20 31.41 -7.06
CA ILE A 126 9.31 30.30 -7.38
C ILE A 126 10.06 29.26 -8.22
N HIS A 127 10.79 29.72 -9.23
CA HIS A 127 11.61 28.80 -10.01
C HIS A 127 12.59 28.00 -9.16
N SER A 128 13.21 28.66 -8.17
CA SER A 128 14.18 27.98 -7.33
C SER A 128 13.51 26.94 -6.44
N VAL A 129 12.30 27.26 -5.94
CA VAL A 129 11.54 26.30 -5.13
C VAL A 129 11.17 25.08 -5.98
N TRP A 130 10.73 25.32 -7.21
CA TRP A 130 10.33 24.23 -8.10
C TRP A 130 11.52 23.31 -8.40
N LYS A 131 12.67 23.91 -8.69
CA LYS A 131 13.86 23.14 -8.99
C LYS A 131 14.26 22.27 -7.79
N ASP A 132 14.20 22.88 -6.60
CA ASP A 132 14.49 22.16 -5.36
C ASP A 132 13.52 20.99 -5.13
N LEU A 133 12.24 21.17 -5.49
CA LEU A 133 11.29 20.06 -5.41
C LEU A 133 11.70 18.89 -6.33
N LEU A 134 12.18 19.19 -7.52
CA LEU A 134 12.59 18.13 -8.45
C LEU A 134 13.88 17.44 -7.98
N GLU A 135 14.75 18.18 -7.33
CA GLU A 135 16.07 17.63 -6.98
C GLU A 135 16.15 16.97 -5.60
N ASP A 136 15.24 17.33 -4.70
CA ASP A 136 15.24 16.80 -3.33
C ASP A 136 13.84 16.27 -3.03
N THR A 137 13.73 14.97 -2.79
CA THR A 137 12.43 14.36 -2.48
C THR A 137 12.35 13.86 -1.03
N VAL A 138 13.21 14.42 -0.19
CA VAL A 138 13.40 13.93 1.18
C VAL A 138 13.19 14.98 2.29
N THR A 139 13.77 16.16 2.13
CA THR A 139 13.84 17.11 3.24
C THR A 139 12.50 17.75 3.57
N PRO A 140 11.98 17.52 4.78
CA PRO A 140 10.71 18.16 5.13
C PRO A 140 10.71 19.67 4.95
N ILE A 141 9.60 20.18 4.43
CA ILE A 141 9.44 21.59 4.15
C ILE A 141 8.82 22.29 5.38
N ASP A 142 9.36 23.45 5.70
CA ASP A 142 8.89 24.21 6.85
C ASP A 142 7.42 24.59 6.68
N THR A 143 6.69 24.63 7.79
CA THR A 143 5.34 25.21 7.79
C THR A 143 5.16 26.15 8.97
N THR A 144 4.20 27.06 8.84
CA THR A 144 3.84 27.96 9.93
C THR A 144 2.54 27.44 10.53
N ILE A 145 2.46 27.45 11.86
CA ILE A 145 1.20 27.11 12.55
C ILE A 145 0.63 28.37 13.18
N MET A 146 -0.66 28.60 12.99
CA MET A 146 -1.32 29.77 13.55
C MET A 146 -2.67 29.40 14.13
N ALA A 147 -3.13 30.16 15.11
CA ALA A 147 -4.49 30.00 15.60
C ALA A 147 -5.42 30.88 14.77
N LYS A 148 -6.47 30.28 14.19
CA LYS A 148 -7.43 31.05 13.40
C LYS A 148 -8.28 31.92 14.31
N ASN A 149 -8.58 33.13 13.85
CA ASN A 149 -9.52 34.00 14.56
C ASN A 149 -10.89 33.89 13.86
N GLU A 150 -11.80 33.14 14.47
CA GLU A 150 -13.12 32.92 13.89
C GLU A 150 -14.22 33.25 14.86
N VAL A 151 -15.35 33.70 14.34
CA VAL A 151 -16.41 34.24 15.18
C VAL A 151 -17.54 33.23 15.38
N PHE A 152 -18.01 33.11 16.62
CA PHE A 152 -19.10 32.19 16.92
C PHE A 152 -20.06 32.80 17.93
N CYS A 153 -21.17 32.11 18.15
CA CYS A 153 -22.06 32.40 19.27
C CYS A 153 -21.81 31.36 20.36
N VAL A 154 -21.80 31.81 21.62
CA VAL A 154 -21.55 30.90 22.73
C VAL A 154 -22.51 29.72 22.74
N GLN A 155 -22.03 28.59 23.26
CA GLN A 155 -22.82 27.38 23.46
C GLN A 155 -23.40 26.85 22.15
N ARG A 161 -17.14 28.14 25.19
CA ARG A 161 -16.57 28.66 23.95
C ARG A 161 -15.61 27.66 23.33
N LYS A 162 -15.57 27.64 22.00
CA LYS A 162 -14.70 26.72 21.27
C LYS A 162 -13.27 27.25 21.27
N PRO A 163 -12.27 26.37 21.42
CA PRO A 163 -10.88 26.79 21.27
C PRO A 163 -10.62 27.10 19.81
N ALA A 164 -9.67 27.98 19.52
CA ALA A 164 -9.28 28.30 18.15
C ALA A 164 -8.92 27.05 17.35
N ARG A 165 -9.35 27.01 16.09
CA ARG A 165 -8.84 26.01 15.18
C ARG A 165 -7.43 26.42 14.74
N LEU A 166 -6.66 25.45 14.31
CA LEU A 166 -5.30 25.70 13.88
C LEU A 166 -5.20 25.68 12.36
N ILE A 167 -4.29 26.48 11.82
CA ILE A 167 -4.01 26.44 10.39
C ILE A 167 -2.51 26.19 10.22
N VAL A 168 -2.17 25.29 9.31
CA VAL A 168 -0.76 24.96 9.07
C VAL A 168 -0.49 25.09 7.59
N PHE A 169 0.46 25.95 7.20
CA PHE A 169 0.68 26.26 5.79
C PHE A 169 2.14 26.52 5.46
N PRO A 170 2.55 26.17 4.22
CA PRO A 170 3.94 26.39 3.81
C PRO A 170 4.09 27.80 3.26
N ASP A 171 5.33 28.18 2.93
CA ASP A 171 5.61 29.53 2.42
C ASP A 171 4.95 29.79 1.06
N LEU A 172 4.71 31.06 0.76
CA LEU A 172 4.12 31.50 -0.52
C LEU A 172 4.76 30.86 -1.76
N GLY A 173 6.08 30.83 -1.82
CA GLY A 173 6.77 30.17 -2.92
C GLY A 173 6.30 28.74 -3.12
N VAL A 174 6.24 27.99 -2.03
CA VAL A 174 5.76 26.60 -2.08
C VAL A 174 4.31 26.52 -2.55
N ARG A 175 3.46 27.42 -2.07
CA ARG A 175 2.06 27.40 -2.44
C ARG A 175 1.88 27.57 -3.95
N VAL A 176 2.69 28.43 -4.57
CA VAL A 176 2.61 28.64 -6.01
C VAL A 176 3.01 27.35 -6.75
N CYS A 177 4.05 26.71 -6.25
CA CYS A 177 4.49 25.42 -6.78
C CYS A 177 3.42 24.34 -6.66
N GLU A 178 2.71 24.33 -5.53
CA GLU A 178 1.63 23.36 -5.38
C GLU A 178 0.61 23.53 -6.51
N LYS A 179 0.24 24.78 -6.78
CA LYS A 179 -0.71 25.04 -7.86
C LYS A 179 -0.17 24.48 -9.17
N MET A 180 1.09 24.77 -9.47
CA MET A 180 1.66 24.30 -10.73
C MET A 180 1.55 22.78 -10.89
N ALA A 181 1.89 22.05 -9.83
CA ALA A 181 1.93 20.61 -9.89
C ALA A 181 0.54 20.00 -9.84
N LEU A 182 -0.37 20.65 -9.09
CA LEU A 182 -1.56 19.96 -8.60
C LEU A 182 -2.91 20.63 -8.81
N TYR A 183 -2.94 21.88 -9.24
CA TYR A 183 -4.22 22.57 -9.41
C TYR A 183 -5.16 21.81 -10.35
N ASP A 184 -4.66 21.40 -11.51
CA ASP A 184 -5.49 20.66 -12.47
C ASP A 184 -5.97 19.34 -11.87
N VAL A 185 -5.06 18.64 -11.18
CA VAL A 185 -5.43 17.38 -10.56
C VAL A 185 -6.55 17.54 -9.52
N VAL A 186 -6.37 18.45 -8.57
CA VAL A 186 -7.38 18.56 -7.51
C VAL A 186 -8.69 19.17 -8.01
N SER A 187 -8.66 19.76 -9.21
CA SER A 187 -9.85 20.35 -9.80
C SER A 187 -10.63 19.35 -10.63
N THR A 188 -9.96 18.28 -11.05
CA THR A 188 -10.52 17.37 -12.05
C THR A 188 -10.74 15.94 -11.54
N LEU A 189 -9.76 15.44 -10.79
CA LEU A 189 -9.76 14.06 -10.32
C LEU A 189 -10.97 13.65 -9.45
N PRO A 190 -11.33 14.46 -8.45
CA PRO A 190 -12.38 14.02 -7.53
C PRO A 190 -13.70 13.65 -8.23
N GLN A 191 -14.17 14.47 -9.16
CA GLN A 191 -15.45 14.18 -9.79
C GLN A 191 -15.33 12.91 -10.65
N VAL A 192 -14.16 12.67 -11.23
CA VAL A 192 -13.99 11.46 -12.03
C VAL A 192 -14.00 10.20 -11.15
N VAL A 193 -13.32 10.27 -10.01
CA VAL A 193 -13.22 9.12 -9.11
C VAL A 193 -14.53 8.84 -8.38
N MET A 194 -15.22 9.91 -7.99
CA MET A 194 -16.36 9.78 -7.10
C MET A 194 -17.72 10.03 -7.80
N GLY A 195 -17.68 10.54 -9.03
CA GLY A 195 -18.88 10.77 -9.79
C GLY A 195 -19.87 11.67 -9.05
N SER A 196 -21.14 11.29 -9.08
CA SER A 196 -22.20 12.10 -8.47
C SER A 196 -22.04 12.29 -6.95
N SER A 197 -21.18 11.48 -6.31
CA SER A 197 -20.94 11.60 -4.88
C SER A 197 -20.03 12.78 -4.48
N TYR A 198 -19.35 13.39 -5.45
CA TYR A 198 -18.46 14.52 -5.13
C TYR A 198 -19.26 15.80 -4.92
N GLY A 199 -19.30 16.26 -3.67
CA GLY A 199 -20.19 17.37 -3.30
C GLY A 199 -19.89 18.72 -3.92
N PHE A 200 -18.62 19.01 -4.17
CA PHE A 200 -18.25 20.36 -4.60
C PHE A 200 -18.59 20.71 -6.04
N GLN A 201 -19.08 19.73 -6.82
CA GLN A 201 -19.48 19.99 -8.19
C GLN A 201 -20.87 20.62 -8.26
N TYR A 202 -21.53 20.77 -7.11
CA TYR A 202 -22.92 21.24 -7.06
C TYR A 202 -23.07 22.65 -6.49
N SER A 203 -23.91 23.45 -7.12
CA SER A 203 -24.43 24.65 -6.47
C SER A 203 -25.36 24.17 -5.35
N PRO A 204 -25.75 25.07 -4.44
CA PRO A 204 -26.64 24.64 -3.36
C PRO A 204 -27.91 24.01 -3.90
N GLY A 205 -28.50 24.62 -4.94
CA GLY A 205 -29.71 24.12 -5.54
C GLY A 205 -29.49 22.76 -6.16
N GLN A 206 -28.35 22.59 -6.81
CA GLN A 206 -27.99 21.27 -7.37
C GLN A 206 -27.74 20.20 -6.32
N ARG A 207 -27.20 20.60 -5.16
CA ARG A 207 -26.99 19.68 -4.03
C ARG A 207 -28.33 19.19 -3.49
N VAL A 208 -29.27 20.12 -3.36
CA VAL A 208 -30.62 19.77 -2.92
C VAL A 208 -31.25 18.78 -3.91
N GLU A 209 -31.08 19.08 -5.20
CA GLU A 209 -31.62 18.24 -6.26
C GLU A 209 -31.04 16.84 -6.19
N PHE A 210 -29.73 16.75 -5.97
CA PHE A 210 -29.11 15.43 -5.88
C PHE A 210 -29.61 14.69 -4.64
N LEU A 211 -29.68 15.37 -3.50
CA LEU A 211 -30.19 14.74 -2.27
C LEU A 211 -31.63 14.24 -2.41
N VAL A 212 -32.51 15.07 -2.97
CA VAL A 212 -33.91 14.68 -3.11
C VAL A 212 -34.06 13.54 -4.12
N ASN A 213 -33.37 13.65 -5.25
CA ASN A 213 -33.42 12.58 -6.25
C ASN A 213 -32.85 11.26 -5.73
N THR A 214 -31.79 11.34 -4.93
CA THR A 214 -31.23 10.16 -4.29
C THR A 214 -32.19 9.55 -3.27
N TRP A 215 -32.79 10.41 -2.45
CA TRP A 215 -33.79 9.95 -1.48
C TRP A 215 -34.94 9.24 -2.21
N LYS A 216 -35.41 9.84 -3.30
CA LYS A 216 -36.55 9.31 -4.04
C LYS A 216 -36.20 8.02 -4.81
N SER A 217 -34.92 7.81 -5.07
CA SER A 217 -34.46 6.67 -5.85
C SER A 217 -34.45 5.40 -5.00
N LYS A 218 -34.61 5.54 -3.68
CA LYS A 218 -34.67 4.39 -2.78
C LYS A 218 -36.12 3.97 -2.54
N LYS A 219 -36.37 2.67 -2.43
CA LYS A 219 -37.72 2.17 -2.13
C LYS A 219 -38.15 2.60 -0.73
N ASN A 220 -37.27 2.38 0.24
CA ASN A 220 -37.47 2.85 1.61
C ASN A 220 -36.18 3.48 2.09
N PRO A 221 -36.03 4.80 1.87
CA PRO A 221 -34.76 5.46 2.18
C PRO A 221 -34.47 5.58 3.66
N MET A 222 -33.18 5.46 3.99
CA MET A 222 -32.68 5.83 5.31
C MET A 222 -31.40 6.61 5.06
N GLY A 223 -31.11 7.60 5.91
CA GLY A 223 -29.92 8.38 5.69
C GLY A 223 -29.30 8.82 6.98
N PHE A 224 -28.01 9.15 6.93
CA PHE A 224 -27.34 9.66 8.11
C PHE A 224 -26.15 10.53 7.73
N SER A 225 -25.81 11.45 8.64
CA SER A 225 -24.55 12.17 8.49
C SER A 225 -23.53 11.47 9.38
N TYR A 226 -22.26 11.56 9.01
CA TYR A 226 -21.22 10.98 9.85
C TYR A 226 -20.15 12.02 10.13
N ASP A 227 -20.01 12.35 11.41
CA ASP A 227 -19.04 13.35 11.86
C ASP A 227 -17.80 12.65 12.39
N THR A 228 -16.68 12.72 11.66
CA THR A 228 -15.42 12.18 12.17
C THR A 228 -14.81 13.16 13.16
N ARG A 229 -14.35 12.68 14.30
CA ARG A 229 -13.74 13.56 15.30
C ARG A 229 -12.39 14.07 14.80
N CYS A 230 -12.26 15.39 14.68
CA CYS A 230 -10.98 15.99 14.30
C CYS A 230 -10.36 15.29 13.09
N PHE A 231 -11.08 15.34 11.97
CA PHE A 231 -10.71 14.55 10.78
C PHE A 231 -9.24 14.71 10.33
N ASP A 232 -8.73 15.94 10.29
CA ASP A 232 -7.35 16.17 9.82
C ASP A 232 -6.37 15.37 10.67
N SER A 233 -6.62 15.31 11.97
CA SER A 233 -5.72 14.58 12.88
C SER A 233 -5.82 13.07 12.75
N THR A 234 -6.91 12.57 12.18
CA THR A 234 -7.10 11.14 11.99
C THR A 234 -6.40 10.64 10.73
N VAL A 235 -6.05 11.55 9.83
CA VAL A 235 -5.40 11.20 8.56
C VAL A 235 -3.96 10.77 8.83
N THR A 236 -3.62 9.55 8.41
CA THR A 236 -2.30 8.98 8.72
C THR A 236 -1.33 9.11 7.55
N GLU A 237 -0.06 8.78 7.79
CA GLU A 237 0.92 8.71 6.70
C GLU A 237 0.43 7.76 5.60
N ASN A 238 -0.06 6.58 5.98
CA ASN A 238 -0.68 5.66 5.01
C ASN A 238 -1.68 6.39 4.13
N ASP A 239 -2.61 7.10 4.75
CA ASP A 239 -3.69 7.74 3.99
C ASP A 239 -3.11 8.71 2.98
N ILE A 240 -2.11 9.47 3.41
CA ILE A 240 -1.53 10.49 2.53
C ILE A 240 -0.73 9.86 1.39
N ARG A 241 -0.08 8.73 1.65
CA ARG A 241 0.60 8.01 0.57
C ARG A 241 -0.41 7.36 -0.38
N VAL A 242 -1.52 6.88 0.17
CA VAL A 242 -2.56 6.30 -0.66
C VAL A 242 -3.13 7.41 -1.56
N GLU A 243 -3.32 8.60 -1.00
CA GLU A 243 -3.76 9.73 -1.83
C GLU A 243 -2.78 9.97 -2.97
N GLU A 244 -1.48 10.01 -2.67
CA GLU A 244 -0.50 10.19 -3.73
C GLU A 244 -0.62 9.08 -4.77
N SER A 245 -0.85 7.85 -4.33
CA SER A 245 -0.94 6.75 -5.29
C SER A 245 -2.12 6.94 -6.23
N ILE A 246 -3.18 7.58 -5.74
CA ILE A 246 -4.31 7.90 -6.60
C ILE A 246 -3.95 9.02 -7.60
N TYR A 247 -3.30 10.08 -7.13
CA TYR A 247 -2.87 11.14 -8.05
C TYR A 247 -1.98 10.57 -9.17
N GLN A 248 -1.10 9.64 -8.82
CA GLN A 248 -0.14 9.10 -9.78
C GLN A 248 -0.80 8.18 -10.80
N CYS A 249 -2.03 7.77 -10.56
CA CYS A 249 -2.78 7.03 -11.59
C CYS A 249 -3.08 7.90 -12.79
N CYS A 250 -3.09 9.22 -12.60
CA CYS A 250 -3.43 10.14 -13.68
C CYS A 250 -2.37 10.07 -14.77
N ASP A 251 -2.76 10.48 -15.98
CA ASP A 251 -1.82 10.69 -17.08
C ASP A 251 -1.16 12.04 -16.84
N LEU A 252 0.09 12.03 -16.40
CA LEU A 252 0.80 13.25 -15.99
C LEU A 252 2.14 13.38 -16.70
N ALA A 253 2.62 14.60 -16.85
CA ALA A 253 3.99 14.81 -17.32
C ALA A 253 4.97 14.24 -16.28
N PRO A 254 6.09 13.67 -16.73
CA PRO A 254 7.03 13.13 -15.74
C PRO A 254 7.48 14.18 -14.72
N GLU A 255 7.64 15.43 -15.16
CA GLU A 255 8.04 16.51 -14.26
C GLU A 255 6.97 16.68 -13.17
N ALA A 256 5.71 16.57 -13.57
CA ALA A 256 4.61 16.66 -12.61
C ALA A 256 4.63 15.48 -11.61
N ARG A 257 4.94 14.27 -12.09
CA ARG A 257 5.02 13.12 -11.19
C ARG A 257 6.05 13.32 -10.11
N GLN A 258 7.21 13.89 -10.49
CA GLN A 258 8.31 14.10 -9.55
C GLN A 258 7.93 15.16 -8.51
N ALA A 259 7.33 16.25 -8.97
CA ALA A 259 6.93 17.32 -8.05
C ALA A 259 5.88 16.82 -7.06
N ILE A 260 4.96 15.98 -7.54
CA ILE A 260 3.91 15.40 -6.71
C ILE A 260 4.47 14.43 -5.68
N LYS A 261 5.41 13.59 -6.10
CA LYS A 261 6.12 12.72 -5.17
C LYS A 261 6.83 13.55 -4.11
N SER A 262 7.54 14.57 -4.56
CA SER A 262 8.33 15.42 -3.65
C SER A 262 7.44 16.15 -2.63
N LEU A 263 6.36 16.75 -3.12
CA LEU A 263 5.48 17.48 -2.21
C LEU A 263 4.83 16.52 -1.24
N THR A 264 4.54 15.31 -1.68
CA THR A 264 4.00 14.31 -0.76
C THR A 264 4.99 13.95 0.35
N GLU A 265 6.22 13.62 -0.01
CA GLU A 265 7.23 13.21 0.96
C GLU A 265 7.62 14.32 1.92
N ARG A 266 7.70 15.53 1.40
CA ARG A 266 8.29 16.66 2.12
C ARG A 266 7.26 17.54 2.82
N LEU A 267 6.04 17.56 2.30
CA LEU A 267 5.03 18.47 2.83
C LEU A 267 3.75 17.76 3.26
N TYR A 268 3.14 16.99 2.36
CA TYR A 268 1.82 16.44 2.70
C TYR A 268 1.88 15.44 3.86
N ILE A 269 2.91 14.59 3.90
CA ILE A 269 2.98 13.56 4.93
C ILE A 269 3.25 14.12 6.32
N GLY A 270 3.94 15.24 6.39
CA GLY A 270 4.30 15.81 7.67
C GLY A 270 5.42 16.80 7.54
N GLY A 271 5.77 17.44 8.65
CA GLY A 271 6.91 18.34 8.69
C GLY A 271 6.94 19.16 9.96
N PRO A 272 7.97 20.00 10.12
CA PRO A 272 8.12 20.85 11.30
C PRO A 272 7.10 21.98 11.32
N LEU A 273 6.75 22.39 12.53
CA LEU A 273 5.77 23.45 12.75
C LEU A 273 6.49 24.62 13.40
N THR A 274 6.41 25.78 12.76
CA THR A 274 7.10 26.98 13.21
C THR A 274 6.09 28.07 13.54
N ASN A 275 6.23 28.70 14.70
CA ASN A 275 5.30 29.76 15.04
C ASN A 275 5.62 31.09 14.35
N SER A 276 4.75 32.09 14.53
CA SER A 276 4.88 33.37 13.86
C SER A 276 6.16 34.08 14.22
N LYS A 277 6.78 33.65 15.31
CA LYS A 277 8.01 34.27 15.79
C LYS A 277 9.25 33.50 15.35
N GLY A 278 9.05 32.44 14.57
CA GLY A 278 10.17 31.64 14.10
C GLY A 278 10.68 30.54 15.02
N GLN A 279 9.96 30.26 16.10
CA GLN A 279 10.33 29.15 16.99
C GLN A 279 9.74 27.81 16.57
N ASN A 280 10.49 26.73 16.80
CA ASN A 280 9.99 25.39 16.52
C ASN A 280 8.93 24.97 17.54
N CYS A 281 7.69 24.81 17.07
CA CYS A 281 6.58 24.38 17.94
C CYS A 281 6.40 22.87 18.06
N GLY A 282 6.95 22.13 17.10
CA GLY A 282 6.74 20.69 17.11
C GLY A 282 6.71 20.12 15.71
N TYR A 283 6.00 19.00 15.55
CA TYR A 283 6.08 18.24 14.32
C TYR A 283 4.75 17.60 13.98
N ARG A 284 4.35 17.72 12.72
CA ARG A 284 3.06 17.21 12.27
C ARG A 284 3.26 15.90 11.52
N ARG A 285 2.41 14.90 11.80
CA ARG A 285 2.36 13.67 11.00
C ARG A 285 0.92 13.35 10.58
N CYS A 286 0.13 14.39 10.37
CA CYS A 286 -1.24 14.22 9.88
C CYS A 286 -1.51 15.27 8.80
N ARG A 287 -2.75 15.42 8.39
CA ARG A 287 -3.09 16.37 7.34
C ARG A 287 -2.81 17.81 7.78
N ALA A 288 -2.08 18.55 6.95
CA ALA A 288 -1.97 19.99 7.06
C ALA A 288 -3.27 20.64 6.57
N SER A 289 -3.84 21.53 7.38
CA SER A 289 -5.09 22.20 7.02
C SER A 289 -4.97 23.27 5.94
N GLY A 290 -3.75 23.75 5.69
CA GLY A 290 -3.54 24.85 4.75
C GLY A 290 -2.66 24.51 3.56
N VAL A 291 -2.96 23.41 2.87
CA VAL A 291 -2.25 23.09 1.63
C VAL A 291 -3.27 22.90 0.51
N LEU A 292 -2.81 22.90 -0.75
CA LEU A 292 -3.73 22.85 -1.87
C LEU A 292 -4.58 21.58 -1.86
N THR A 293 -3.98 20.50 -1.37
CA THR A 293 -4.59 19.18 -1.43
C THR A 293 -5.48 18.86 -0.24
N THR A 294 -5.62 19.80 0.70
CA THR A 294 -6.44 19.54 1.89
C THR A 294 -7.85 19.07 1.54
N SER A 295 -8.54 19.82 0.68
CA SER A 295 -9.90 19.48 0.33
C SER A 295 -10.00 18.18 -0.48
N CYS A 296 -9.23 18.07 -1.56
CA CYS A 296 -9.26 16.86 -2.39
C CYS A 296 -8.80 15.62 -1.58
N GLY A 297 -7.73 15.77 -0.82
CA GLY A 297 -7.20 14.65 -0.05
C GLY A 297 -8.22 14.20 0.99
N ASN A 298 -8.82 15.15 1.70
CA ASN A 298 -9.85 14.79 2.68
C ASN A 298 -11.06 14.12 2.02
N THR A 299 -11.46 14.64 0.87
CA THR A 299 -12.62 14.11 0.16
C THR A 299 -12.38 12.66 -0.27
N LEU A 300 -11.22 12.41 -0.88
CA LEU A 300 -10.88 11.07 -1.33
C LEU A 300 -10.77 10.09 -0.18
N THR A 301 -10.15 10.53 0.90
CA THR A 301 -9.91 9.64 2.03
C THR A 301 -11.19 9.35 2.80
N CYS A 302 -12.03 10.37 2.96
CA CYS A 302 -13.34 10.18 3.56
C CYS A 302 -14.20 9.23 2.72
N TYR A 303 -14.19 9.41 1.41
CA TYR A 303 -14.97 8.56 0.50
C TYR A 303 -14.47 7.12 0.51
N LEU A 304 -13.15 6.95 0.47
CA LEU A 304 -12.55 5.61 0.50
C LEU A 304 -12.96 4.87 1.77
N LYS A 305 -12.74 5.49 2.92
CA LYS A 305 -13.06 4.88 4.20
C LYS A 305 -14.57 4.60 4.32
N ALA A 306 -15.40 5.56 3.96
CA ALA A 306 -16.85 5.38 4.07
C ALA A 306 -17.36 4.29 3.13
N SER A 307 -16.83 4.24 1.91
CA SER A 307 -17.30 3.26 0.93
C SER A 307 -16.97 1.84 1.38
N ALA A 308 -15.75 1.68 1.91
CA ALA A 308 -15.33 0.39 2.44
C ALA A 308 -16.15 0.02 3.66
N ALA A 309 -16.43 1.00 4.52
CA ALA A 309 -17.26 0.78 5.71
C ALA A 309 -18.69 0.38 5.38
N CYS A 310 -19.26 0.96 4.33
CA CYS A 310 -20.60 0.59 3.87
C CYS A 310 -20.61 -0.91 3.56
N ARG A 311 -19.56 -1.39 2.90
CA ARG A 311 -19.48 -2.80 2.52
C ARG A 311 -19.30 -3.69 3.75
N ALA A 312 -18.40 -3.28 4.63
CA ALA A 312 -18.19 -4.02 5.88
C ALA A 312 -19.49 -4.11 6.69
N ALA A 313 -20.28 -3.05 6.65
CA ALA A 313 -21.51 -2.97 7.45
C ALA A 313 -22.68 -3.65 6.77
N LYS A 314 -22.53 -3.99 5.51
CA LYS A 314 -23.61 -4.56 4.70
C LYS A 314 -24.80 -3.60 4.56
N LEU A 315 -24.53 -2.30 4.51
CA LEU A 315 -25.57 -1.35 4.14
C LEU A 315 -25.99 -1.62 2.70
N GLN A 316 -27.26 -1.44 2.39
CA GLN A 316 -27.78 -1.75 1.06
C GLN A 316 -27.85 -0.51 0.18
N ASP A 317 -27.20 -0.56 -0.99
CA ASP A 317 -27.30 0.53 -1.97
C ASP A 317 -26.94 1.88 -1.35
N CYS A 318 -25.76 1.97 -0.74
CA CYS A 318 -25.23 3.22 -0.21
C CYS A 318 -24.93 4.21 -1.34
N THR A 319 -25.48 5.41 -1.22
CA THR A 319 -25.10 6.53 -2.07
C THR A 319 -24.42 7.54 -1.17
N MET A 320 -23.17 7.88 -1.48
CA MET A 320 -22.41 8.84 -0.66
C MET A 320 -22.57 10.25 -1.20
N LEU A 321 -22.45 11.24 -0.31
CA LEU A 321 -22.28 12.61 -0.73
C LEU A 321 -21.18 13.19 0.15
N VAL A 322 -20.03 13.51 -0.45
CA VAL A 322 -18.83 13.83 0.34
C VAL A 322 -18.29 15.20 -0.02
N ASN A 323 -17.99 16.00 1.00
CA ASN A 323 -17.40 17.33 0.83
C ASN A 323 -16.29 17.42 1.86
N GLY A 324 -15.06 17.08 1.46
CA GLY A 324 -13.96 17.05 2.42
C GLY A 324 -14.23 16.03 3.51
N ASP A 325 -14.18 16.46 4.78
CA ASP A 325 -14.45 15.58 5.91
C ASP A 325 -15.95 15.45 6.23
N ASP A 326 -16.78 16.12 5.44
CA ASP A 326 -18.22 16.09 5.67
C ASP A 326 -18.88 14.97 4.86
N LEU A 327 -19.65 14.12 5.54
CA LEU A 327 -20.16 12.89 4.94
C LEU A 327 -21.65 12.68 5.19
N VAL A 328 -22.40 12.48 4.11
CA VAL A 328 -23.80 12.06 4.15
C VAL A 328 -23.94 10.76 3.37
N VAL A 329 -24.68 9.80 3.94
CA VAL A 329 -24.96 8.53 3.29
C VAL A 329 -26.47 8.29 3.21
N ILE A 330 -26.96 7.91 2.04
CA ILE A 330 -28.37 7.59 1.89
C ILE A 330 -28.45 6.20 1.29
N CYS A 331 -29.22 5.33 1.92
CA CYS A 331 -29.26 3.95 1.45
C CYS A 331 -30.66 3.35 1.49
N GLU A 332 -30.74 2.06 1.15
CA GLU A 332 -32.01 1.35 1.19
C GLU A 332 -32.20 0.80 2.60
N SER A 333 -33.28 1.20 3.28
CA SER A 333 -33.55 0.74 4.64
C SER A 333 -33.84 -0.76 4.71
N ALA A 334 -33.37 -1.39 5.77
CA ALA A 334 -33.56 -2.83 5.95
C ALA A 334 -34.48 -3.07 7.14
N GLY A 335 -35.06 -1.99 7.66
CA GLY A 335 -35.86 -2.05 8.87
C GLY A 335 -35.19 -1.21 9.94
N VAL A 336 -35.96 -0.66 10.87
CA VAL A 336 -35.40 0.21 11.89
C VAL A 336 -34.31 -0.47 12.71
N GLN A 337 -34.60 -1.67 13.18
CA GLN A 337 -33.66 -2.41 14.00
C GLN A 337 -32.39 -2.76 13.23
N GLU A 338 -32.59 -3.27 12.01
CA GLU A 338 -31.49 -3.67 11.16
C GLU A 338 -30.65 -2.44 10.80
N ASP A 339 -31.33 -1.34 10.52
CA ASP A 339 -30.65 -0.09 10.16
C ASP A 339 -29.72 0.39 11.27
N ALA A 340 -30.22 0.40 12.49
CA ALA A 340 -29.45 0.88 13.64
C ALA A 340 -28.24 -0.01 13.90
N ALA A 341 -28.40 -1.30 13.67
CA ALA A 341 -27.30 -2.24 13.86
C ALA A 341 -26.23 -2.05 12.78
N SER A 342 -26.68 -1.92 11.53
CA SER A 342 -25.75 -1.67 10.44
C SER A 342 -24.97 -0.38 10.62
N LEU A 343 -25.64 0.65 11.17
CA LEU A 343 -24.95 1.92 11.41
C LEU A 343 -23.84 1.77 12.48
N ARG A 344 -24.10 0.98 13.53
CA ARG A 344 -23.05 0.69 14.51
C ARG A 344 -21.86 -0.02 13.85
N ALA A 345 -22.15 -0.94 12.92
CA ALA A 345 -21.10 -1.70 12.24
C ALA A 345 -20.29 -0.77 11.37
N PHE A 346 -20.99 0.15 10.73
CA PHE A 346 -20.35 1.14 9.87
C PHE A 346 -19.37 1.97 10.70
N THR A 347 -19.83 2.39 11.88
CA THR A 347 -18.98 3.17 12.78
C THR A 347 -17.74 2.39 13.25
N GLU A 348 -17.95 1.12 13.56
CA GLU A 348 -16.85 0.29 14.01
C GLU A 348 -15.81 0.17 12.89
N ALA A 349 -16.28 0.05 11.66
CA ALA A 349 -15.34 -0.04 10.52
C ALA A 349 -14.61 1.28 10.30
N MET A 350 -15.34 2.39 10.30
CA MET A 350 -14.68 3.70 10.18
C MET A 350 -13.62 3.87 11.25
N THR A 351 -13.92 3.40 12.46
CA THR A 351 -12.99 3.52 13.56
C THR A 351 -11.71 2.72 13.28
N ARG A 352 -11.87 1.50 12.79
CA ARG A 352 -10.70 0.68 12.45
C ARG A 352 -9.84 1.35 11.38
N TYR A 353 -10.49 2.13 10.52
CA TYR A 353 -9.78 2.82 9.43
C TYR A 353 -9.19 4.16 9.89
N SER A 354 -9.27 4.43 11.19
CA SER A 354 -8.82 5.73 11.73
C SER A 354 -9.72 6.88 11.26
N ALA A 355 -11.01 6.74 11.51
CA ALA A 355 -11.96 7.83 11.36
C ALA A 355 -13.11 7.64 12.35
N PRO A 356 -12.77 7.62 13.65
CA PRO A 356 -13.76 7.45 14.72
C PRO A 356 -14.70 8.64 14.76
N PRO A 357 -15.90 8.47 15.31
CA PRO A 357 -16.92 9.53 15.28
C PRO A 357 -16.78 10.52 16.42
N GLY A 358 -17.21 11.75 16.19
CA GLY A 358 -17.31 12.70 17.28
C GLY A 358 -18.62 12.41 17.98
N ASP A 359 -19.71 12.70 17.28
CA ASP A 359 -21.03 12.32 17.77
C ASP A 359 -21.46 11.07 17.02
N PRO A 360 -22.13 10.15 17.72
CA PRO A 360 -22.52 8.89 17.10
C PRO A 360 -23.56 9.17 16.03
N PRO A 361 -23.41 8.56 14.86
CA PRO A 361 -24.39 8.76 13.79
C PRO A 361 -25.76 8.22 14.20
N GLN A 362 -26.82 8.80 13.63
CA GLN A 362 -28.15 8.27 13.89
C GLN A 362 -28.94 8.20 12.61
N PRO A 363 -29.72 7.11 12.45
CA PRO A 363 -30.48 6.93 11.20
C PRO A 363 -31.65 7.90 11.14
N GLU A 364 -31.91 8.47 9.97
CA GLU A 364 -33.04 9.38 9.79
C GLU A 364 -33.92 8.90 8.67
N TYR A 365 -35.23 9.10 8.81
CA TYR A 365 -36.17 8.68 7.78
C TYR A 365 -36.92 9.87 7.20
N ASP A 366 -36.43 11.07 7.50
CA ASP A 366 -36.94 12.32 6.97
C ASP A 366 -35.73 13.07 6.43
N LEU A 367 -35.68 13.25 5.11
CA LEU A 367 -34.58 13.96 4.46
C LEU A 367 -34.26 15.29 5.14
N GLU A 368 -35.29 16.05 5.49
CA GLU A 368 -35.07 17.36 6.09
C GLU A 368 -34.34 17.33 7.42
N LEU A 369 -34.28 16.17 8.05
CA LEU A 369 -33.64 16.06 9.36
C LEU A 369 -32.16 15.71 9.30
N ILE A 370 -31.62 15.51 8.10
CA ILE A 370 -30.20 15.23 7.99
C ILE A 370 -29.42 16.53 7.81
N THR A 371 -28.49 16.79 8.73
CA THR A 371 -27.65 17.98 8.60
C THR A 371 -26.25 17.61 8.11
N SER A 372 -25.85 18.19 6.98
CA SER A 372 -24.52 17.96 6.41
C SER A 372 -23.98 19.25 5.81
N CYS A 373 -22.66 19.46 5.93
CA CYS A 373 -22.07 20.74 5.56
C CYS A 373 -22.83 21.83 6.29
N SER A 374 -23.17 21.53 7.54
CA SER A 374 -23.89 22.44 8.42
C SER A 374 -25.25 22.86 7.85
N SER A 375 -25.77 22.10 6.88
CA SER A 375 -26.96 22.50 6.15
C SER A 375 -27.99 21.39 6.05
N ASN A 376 -29.21 21.75 5.71
CA ASN A 376 -30.25 20.74 5.49
C ASN A 376 -31.22 21.15 4.40
N VAL A 377 -31.89 20.16 3.81
CA VAL A 377 -32.94 20.42 2.85
C VAL A 377 -34.19 20.86 3.58
N SER A 378 -34.88 21.87 3.04
CA SER A 378 -36.17 22.28 3.57
C SER A 378 -37.08 22.63 2.40
N VAL A 379 -38.33 22.93 2.70
CA VAL A 379 -39.31 23.21 1.66
C VAL A 379 -40.07 24.51 1.91
N ALA A 380 -40.33 25.25 0.84
CA ALA A 380 -41.18 26.43 0.88
C ALA A 380 -42.03 26.42 -0.37
N HIS A 381 -42.66 27.56 -0.68
CA HIS A 381 -43.54 27.65 -1.86
C HIS A 381 -43.20 28.87 -2.70
N ASP A 382 -43.27 28.72 -4.02
CA ASP A 382 -42.99 29.85 -4.91
C ASP A 382 -44.25 30.68 -5.15
N ALA A 383 -44.16 31.66 -6.03
CA ALA A 383 -45.27 32.58 -6.26
C ALA A 383 -46.53 31.84 -6.72
N SER A 384 -46.35 30.76 -7.47
CA SER A 384 -47.46 29.97 -7.98
C SER A 384 -48.00 28.96 -6.95
N GLY A 385 -47.35 28.90 -5.79
CA GLY A 385 -47.77 27.99 -4.74
C GLY A 385 -47.14 26.60 -4.81
N LYS A 386 -46.29 26.36 -5.80
CA LYS A 386 -45.64 25.06 -5.93
C LYS A 386 -44.58 24.84 -4.85
N ARG A 387 -44.40 23.58 -4.45
CA ARG A 387 -43.37 23.23 -3.48
C ARG A 387 -41.98 23.35 -4.08
N VAL A 388 -41.09 24.02 -3.37
CA VAL A 388 -39.71 24.20 -3.78
C VAL A 388 -38.81 23.73 -2.65
N TYR A 389 -37.90 22.80 -2.97
CA TYR A 389 -36.86 22.41 -2.02
C TYR A 389 -35.67 23.34 -2.16
N TYR A 390 -35.08 23.71 -1.03
CA TYR A 390 -33.92 24.62 -1.03
C TYR A 390 -32.99 24.28 0.15
N LEU A 391 -31.77 24.79 0.09
CA LEU A 391 -30.80 24.52 1.15
C LEU A 391 -30.80 25.65 2.19
N THR A 392 -30.93 25.27 3.45
CA THR A 392 -30.83 26.21 4.55
C THR A 392 -29.86 25.69 5.61
N ARG A 393 -29.72 26.46 6.69
CA ARG A 393 -28.92 26.08 7.84
C ARG A 393 -29.36 26.89 9.03
N ASP A 394 -28.92 26.49 10.22
CA ASP A 394 -29.11 27.30 11.41
C ASP A 394 -28.40 28.65 11.24
N PRO A 395 -29.11 29.77 11.48
CA PRO A 395 -28.51 31.07 11.12
C PRO A 395 -27.64 31.68 12.20
N THR A 396 -27.40 30.94 13.28
CA THR A 396 -26.70 31.50 14.41
C THR A 396 -25.29 32.00 14.06
N THR A 397 -24.47 31.14 13.49
CA THR A 397 -23.11 31.54 13.12
C THR A 397 -23.10 32.63 12.03
N PRO A 398 -23.91 32.47 10.97
CA PRO A 398 -24.00 33.58 10.01
C PRO A 398 -24.33 34.92 10.67
N LEU A 399 -25.26 34.92 11.62
CA LEU A 399 -25.64 36.21 12.20
C LEU A 399 -24.57 36.74 13.15
N ALA A 400 -23.88 35.86 13.86
CA ALA A 400 -22.80 36.28 14.76
C ALA A 400 -21.68 36.92 13.95
N ARG A 401 -21.34 36.31 12.83
CA ARG A 401 -20.30 36.85 11.97
C ARG A 401 -20.76 38.16 11.32
N ALA A 402 -22.03 38.22 10.94
CA ALA A 402 -22.61 39.45 10.41
C ALA A 402 -22.45 40.59 11.41
N ALA A 403 -22.67 40.30 12.69
CA ALA A 403 -22.52 41.36 13.70
C ALA A 403 -21.09 41.88 13.78
N TRP A 404 -20.13 40.98 13.74
CA TRP A 404 -18.72 41.37 13.75
C TRP A 404 -18.39 42.24 12.54
N GLU A 405 -18.87 41.81 11.37
CA GLU A 405 -18.60 42.50 10.11
C GLU A 405 -19.32 43.85 10.03
N THR A 406 -20.33 44.04 10.87
CA THR A 406 -21.04 45.32 10.93
C THR A 406 -20.12 46.39 11.50
N ALA A 407 -19.23 45.99 12.40
CA ALA A 407 -18.40 46.93 13.13
C ALA A 407 -16.94 46.94 12.67
N ARG A 408 -16.53 45.88 11.98
CA ARG A 408 -15.13 45.73 11.56
C ARG A 408 -15.01 45.31 10.11
N HIS A 409 -14.06 45.90 9.38
CA HIS A 409 -13.76 45.40 8.05
C HIS A 409 -12.87 44.18 8.18
N THR A 410 -13.25 43.09 7.53
CA THR A 410 -12.55 41.83 7.66
C THR A 410 -12.12 41.34 6.28
N PRO A 411 -11.14 40.43 6.23
CA PRO A 411 -10.60 39.97 4.95
C PRO A 411 -11.63 39.21 4.11
N VAL A 412 -12.51 38.48 4.78
CA VAL A 412 -13.56 37.73 4.11
C VAL A 412 -14.91 38.20 4.65
N ASN A 413 -15.79 38.62 3.76
CA ASN A 413 -17.12 39.02 4.15
C ASN A 413 -18.08 37.83 4.14
N SER A 414 -18.28 37.23 5.29
CA SER A 414 -19.13 36.04 5.38
C SER A 414 -20.57 36.37 5.01
N TRP A 415 -21.01 37.60 5.31
CA TRP A 415 -22.38 38.01 5.00
C TRP A 415 -22.66 37.90 3.51
N LEU A 416 -21.66 38.22 2.68
CA LEU A 416 -21.84 38.20 1.25
C LEU A 416 -21.88 36.77 0.73
N GLY A 417 -20.95 35.94 1.21
CA GLY A 417 -20.95 34.52 0.87
C GLY A 417 -22.25 33.86 1.30
N ASN A 418 -22.73 34.22 2.48
CA ASN A 418 -23.99 33.65 2.96
C ASN A 418 -25.21 34.06 2.16
N ILE A 419 -25.28 35.32 1.73
CA ILE A 419 -26.38 35.71 0.84
C ILE A 419 -26.35 34.91 -0.46
N ILE A 420 -25.15 34.73 -1.02
CA ILE A 420 -25.02 33.99 -2.26
C ILE A 420 -25.44 32.53 -2.10
N MET A 421 -24.94 31.87 -1.06
CA MET A 421 -25.18 30.44 -0.90
C MET A 421 -26.57 30.15 -0.33
N TYR A 422 -27.09 31.07 0.49
CA TYR A 422 -28.37 30.86 1.17
C TYR A 422 -29.43 31.89 0.78
N ALA A 423 -29.34 32.39 -0.45
CA ALA A 423 -30.27 33.41 -0.93
C ALA A 423 -31.77 33.11 -0.74
N PRO A 424 -32.20 31.86 -0.98
CA PRO A 424 -33.64 31.54 -0.85
C PRO A 424 -34.16 31.49 0.59
N THR A 425 -33.28 31.55 1.59
CA THR A 425 -33.72 31.32 2.97
C THR A 425 -34.44 32.51 3.59
N LEU A 426 -35.26 32.20 4.59
CA LEU A 426 -36.04 33.21 5.31
C LEU A 426 -35.10 34.22 5.98
N TRP A 427 -34.03 33.70 6.56
CA TRP A 427 -33.11 34.52 7.35
C TRP A 427 -32.15 35.37 6.50
N ALA A 428 -31.63 34.81 5.41
CA ALA A 428 -30.72 35.59 4.57
C ALA A 428 -31.44 36.75 3.92
N ARG A 429 -32.68 36.53 3.52
CA ARG A 429 -33.47 37.56 2.85
C ARG A 429 -33.95 38.62 3.82
N MET A 430 -34.53 38.21 4.93
CA MET A 430 -35.14 39.16 5.86
C MET A 430 -34.10 40.02 6.54
N ILE A 431 -32.97 39.41 6.90
CA ILE A 431 -31.98 40.05 7.76
C ILE A 431 -30.70 40.45 7.04
N LEU A 432 -30.01 39.48 6.45
CA LEU A 432 -28.73 39.82 5.81
C LEU A 432 -28.84 40.82 4.66
N MET A 433 -29.77 40.57 3.73
CA MET A 433 -29.95 41.47 2.61
C MET A 433 -30.31 42.87 3.09
N THR A 434 -31.29 42.93 3.99
CA THR A 434 -31.81 44.21 4.43
C THR A 434 -30.74 45.01 5.16
N HIS A 435 -30.08 44.36 6.10
CA HIS A 435 -29.05 44.99 6.92
C HIS A 435 -27.88 45.52 6.10
N PHE A 436 -27.29 44.67 5.28
CA PHE A 436 -26.11 45.10 4.55
C PHE A 436 -26.38 46.03 3.37
N PHE A 437 -27.53 45.91 2.72
CA PHE A 437 -27.85 46.89 1.68
C PHE A 437 -28.09 48.28 2.29
N SER A 438 -28.68 48.30 3.48
CA SER A 438 -28.86 49.56 4.19
C SER A 438 -27.51 50.22 4.46
N ILE A 439 -26.54 49.42 4.92
CA ILE A 439 -25.22 49.94 5.23
C ILE A 439 -24.51 50.42 3.97
N LEU A 440 -24.60 49.62 2.89
CA LEU A 440 -23.96 49.96 1.63
C LEU A 440 -24.50 51.26 1.04
N LEU A 441 -25.81 51.43 1.15
CA LEU A 441 -26.48 52.64 0.66
C LEU A 441 -25.93 53.85 1.38
N ALA A 442 -25.93 53.78 2.71
CA ALA A 442 -25.50 54.88 3.57
C ALA A 442 -24.06 55.33 3.28
N GLN A 443 -23.20 54.38 2.92
CA GLN A 443 -21.79 54.68 2.65
C GLN A 443 -21.49 54.81 1.17
N GLU A 444 -22.52 54.73 0.35
CA GLU A 444 -22.36 54.76 -1.10
C GLU A 444 -21.27 53.79 -1.55
N GLN A 445 -21.41 52.54 -1.15
CA GLN A 445 -20.43 51.50 -1.49
C GLN A 445 -21.05 50.34 -2.25
N LEU A 446 -22.22 50.54 -2.83
CA LEU A 446 -22.87 49.48 -3.60
C LEU A 446 -22.01 48.88 -4.70
N GLU A 447 -21.15 49.71 -5.30
CA GLU A 447 -20.35 49.29 -6.45
C GLU A 447 -18.99 48.70 -6.05
N LYS A 448 -18.62 48.84 -4.78
CA LYS A 448 -17.30 48.38 -4.35
C LYS A 448 -17.22 46.86 -4.23
N ALA A 449 -16.36 46.24 -5.03
CA ALA A 449 -16.19 44.79 -4.96
C ALA A 449 -15.66 44.34 -3.60
N LEU A 450 -16.18 43.23 -3.09
CA LEU A 450 -15.78 42.71 -1.78
C LEU A 450 -15.36 41.26 -1.91
N ASP A 451 -14.44 40.82 -1.04
CA ASP A 451 -14.03 39.42 -1.05
C ASP A 451 -14.97 38.55 -0.23
N CYS A 452 -15.33 37.39 -0.76
CA CYS A 452 -16.02 36.38 0.02
C CYS A 452 -15.44 35.02 -0.37
N GLN A 453 -15.92 33.96 0.27
CA GLN A 453 -15.43 32.62 -0.05
C GLN A 453 -16.57 31.68 -0.44
N ILE A 454 -16.36 30.89 -1.48
CA ILE A 454 -17.30 29.85 -1.87
C ILE A 454 -16.55 28.55 -2.01
N TYR A 455 -16.96 27.55 -1.23
CA TYR A 455 -16.22 26.27 -1.17
C TYR A 455 -14.72 26.50 -0.99
N GLY A 456 -14.37 27.47 -0.14
CA GLY A 456 -12.99 27.69 0.24
C GLY A 456 -12.18 28.61 -0.66
N ALA A 457 -12.64 28.82 -1.89
CA ALA A 457 -11.96 29.70 -2.85
C ALA A 457 -12.41 31.15 -2.68
N CYS A 458 -11.48 32.09 -2.85
CA CYS A 458 -11.80 33.51 -2.69
C CYS A 458 -12.28 34.14 -3.99
N TYR A 459 -13.37 34.91 -3.90
CA TYR A 459 -13.94 35.60 -5.06
C TYR A 459 -14.16 37.07 -4.72
N SER A 460 -13.87 37.95 -5.66
CA SER A 460 -14.16 39.36 -5.48
C SER A 460 -15.46 39.69 -6.21
N ILE A 461 -16.46 40.17 -5.46
CA ILE A 461 -17.82 40.28 -5.99
C ILE A 461 -18.42 41.66 -5.67
N GLU A 462 -19.09 42.27 -6.66
CA GLU A 462 -19.77 43.54 -6.43
C GLU A 462 -21.20 43.27 -5.98
N PRO A 463 -21.62 43.89 -4.87
CA PRO A 463 -22.95 43.58 -4.34
C PRO A 463 -24.07 43.89 -5.37
N LEU A 464 -23.86 44.87 -6.23
CA LEU A 464 -24.84 45.20 -7.27
C LEU A 464 -25.14 44.05 -8.22
N ASP A 465 -24.21 43.09 -8.31
CA ASP A 465 -24.41 41.92 -9.17
C ASP A 465 -25.21 40.81 -8.50
N LEU A 466 -25.57 40.97 -7.22
CA LEU A 466 -26.26 39.90 -6.51
C LEU A 466 -27.55 39.36 -7.14
N PRO A 467 -28.46 40.24 -7.64
CA PRO A 467 -29.67 39.65 -8.23
C PRO A 467 -29.38 38.69 -9.39
N GLN A 468 -28.45 39.05 -10.28
CA GLN A 468 -28.07 38.14 -11.37
C GLN A 468 -27.44 36.84 -10.85
N ILE A 469 -26.49 36.97 -9.93
CA ILE A 469 -25.87 35.78 -9.35
C ILE A 469 -26.91 34.86 -8.75
N ILE A 470 -27.84 35.44 -7.98
CA ILE A 470 -28.85 34.65 -7.30
C ILE A 470 -29.77 33.98 -8.32
N GLU A 471 -30.13 34.71 -9.38
CA GLU A 471 -30.98 34.12 -10.41
C GLU A 471 -30.26 32.96 -11.10
N ARG A 472 -28.98 33.16 -11.43
CA ARG A 472 -28.21 32.11 -12.10
C ARG A 472 -28.10 30.86 -11.22
N LEU A 473 -27.84 31.05 -9.92
CA LEU A 473 -27.66 29.94 -8.98
C LEU A 473 -28.95 29.27 -8.53
N HIS A 474 -29.95 30.07 -8.18
CA HIS A 474 -31.12 29.56 -7.48
C HIS A 474 -32.41 29.65 -8.30
N GLY A 475 -32.38 30.40 -9.39
CA GLY A 475 -33.57 30.66 -10.18
C GLY A 475 -34.44 31.75 -9.57
N LEU A 476 -35.45 32.20 -10.32
CA LEU A 476 -36.28 33.31 -9.89
C LEU A 476 -37.10 33.01 -8.64
N SER A 477 -37.29 31.73 -8.35
CA SER A 477 -38.10 31.35 -7.19
C SER A 477 -37.45 31.88 -5.91
N ALA A 478 -36.13 32.08 -5.94
CA ALA A 478 -35.41 32.58 -4.77
C ALA A 478 -35.98 33.92 -4.27
N PHE A 479 -36.60 34.66 -5.18
CA PHE A 479 -37.16 35.98 -4.84
C PHE A 479 -38.65 35.95 -4.45
N SER A 480 -39.27 34.76 -4.45
CA SER A 480 -40.69 34.63 -4.20
C SER A 480 -41.04 33.60 -3.15
N LEU A 481 -40.04 32.91 -2.60
CA LEU A 481 -40.35 31.91 -1.58
C LEU A 481 -41.11 32.46 -0.39
N HIS A 482 -42.10 31.70 0.05
CA HIS A 482 -42.91 32.04 1.20
C HIS A 482 -43.52 30.74 1.71
N SER A 483 -44.27 30.80 2.81
CA SER A 483 -44.82 29.59 3.42
C SER A 483 -43.70 28.59 3.72
N TYR A 484 -42.69 29.07 4.44
CA TYR A 484 -41.58 28.24 4.90
C TYR A 484 -42.12 27.19 5.89
N SER A 485 -41.35 26.14 6.13
CA SER A 485 -41.80 25.08 7.04
C SER A 485 -41.85 25.52 8.49
N PRO A 486 -42.75 24.92 9.29
CA PRO A 486 -42.85 25.32 10.69
C PRO A 486 -41.54 25.09 11.44
N GLY A 487 -40.85 24.00 11.11
CA GLY A 487 -39.57 23.70 11.72
C GLY A 487 -38.55 24.79 11.43
N GLU A 488 -38.50 25.22 10.18
CA GLU A 488 -37.56 26.27 9.76
C GLU A 488 -37.90 27.63 10.37
N ILE A 489 -39.18 28.00 10.35
CA ILE A 489 -39.61 29.24 10.99
C ILE A 489 -39.24 29.23 12.47
N ASN A 490 -39.54 28.13 13.16
CA ASN A 490 -39.23 28.03 14.58
C ASN A 490 -37.73 28.13 14.88
N ARG A 491 -36.90 27.50 14.05
CA ARG A 491 -35.46 27.59 14.23
C ARG A 491 -34.95 29.02 14.06
N VAL A 492 -35.40 29.70 13.03
CA VAL A 492 -35.02 31.09 12.82
C VAL A 492 -35.47 31.94 14.02
N ALA A 493 -36.72 31.76 14.42
CA ALA A 493 -37.27 32.56 15.51
C ALA A 493 -36.48 32.38 16.79
N SER A 494 -36.07 31.15 17.08
CA SER A 494 -35.31 30.89 18.30
C SER A 494 -33.97 31.61 18.25
N CYS A 495 -33.34 31.58 17.09
CA CYS A 495 -32.08 32.28 16.91
C CYS A 495 -32.24 33.79 17.14
N LEU A 496 -33.33 34.37 16.62
CA LEU A 496 -33.52 35.81 16.74
C LEU A 496 -33.71 36.19 18.21
N ARG A 497 -34.43 35.35 18.95
CA ARG A 497 -34.60 35.57 20.38
C ARG A 497 -33.28 35.45 21.13
N LYS A 498 -32.48 34.45 20.78
CA LYS A 498 -31.20 34.21 21.42
C LYS A 498 -30.24 35.39 21.29
N LEU A 499 -30.10 35.90 20.07
CA LEU A 499 -29.18 37.00 19.78
C LEU A 499 -29.78 38.39 20.02
N GLY A 500 -31.10 38.45 20.16
CA GLY A 500 -31.78 39.72 20.36
C GLY A 500 -31.87 40.51 19.07
N VAL A 501 -32.32 39.85 18.01
CA VAL A 501 -32.48 40.48 16.70
C VAL A 501 -33.89 41.07 16.60
N PRO A 502 -34.03 42.25 15.99
CA PRO A 502 -35.36 42.86 15.87
C PRO A 502 -36.36 41.99 15.11
N PRO A 503 -37.66 42.20 15.35
CA PRO A 503 -38.76 41.41 14.78
C PRO A 503 -39.02 41.67 13.30
N LEU A 504 -39.84 40.81 12.69
CA LEU A 504 -40.16 40.92 11.28
C LEU A 504 -40.69 42.31 10.88
N ARG A 505 -41.58 42.89 11.69
CA ARG A 505 -42.14 44.20 11.34
C ARG A 505 -41.04 45.25 11.13
N VAL A 506 -40.00 45.19 11.95
CA VAL A 506 -38.87 46.10 11.81
C VAL A 506 -38.11 45.83 10.51
N TRP A 507 -37.77 44.57 10.25
CA TRP A 507 -37.07 44.24 9.01
C TRP A 507 -37.89 44.59 7.76
N ARG A 508 -39.21 44.39 7.82
CA ARG A 508 -40.04 44.72 6.67
C ARG A 508 -40.01 46.22 6.40
N HIS A 509 -40.09 47.02 7.45
CA HIS A 509 -40.03 48.46 7.29
C HIS A 509 -38.69 48.92 6.72
N ARG A 510 -37.60 48.36 7.25
CA ARG A 510 -36.28 48.73 6.77
C ARG A 510 -36.09 48.31 5.32
N ALA A 511 -36.64 47.14 4.97
CA ALA A 511 -36.56 46.67 3.59
C ALA A 511 -37.30 47.59 2.60
N ARG A 512 -38.49 48.06 2.98
CA ARG A 512 -39.23 48.99 2.13
C ARG A 512 -38.42 50.26 1.89
N SER A 513 -37.74 50.73 2.93
CA SER A 513 -36.93 51.94 2.84
C SER A 513 -35.72 51.73 1.94
N VAL A 514 -35.01 50.62 2.16
CA VAL A 514 -33.87 50.28 1.32
C VAL A 514 -34.31 50.11 -0.12
N ARG A 515 -35.42 49.39 -0.32
CA ARG A 515 -35.94 49.16 -1.67
C ARG A 515 -36.24 50.48 -2.39
N ALA A 516 -36.93 51.37 -1.69
CA ALA A 516 -37.32 52.66 -2.27
C ALA A 516 -36.10 53.44 -2.73
N ARG A 517 -35.09 53.52 -1.87
CA ARG A 517 -33.87 54.24 -2.19
C ARG A 517 -33.08 53.59 -3.34
N LEU A 518 -33.02 52.27 -3.36
CA LEU A 518 -32.40 51.55 -4.48
C LEU A 518 -33.12 51.84 -5.82
N LEU A 519 -34.43 51.78 -5.82
CA LEU A 519 -35.22 52.02 -7.01
C LEU A 519 -34.92 53.38 -7.63
N SER A 520 -34.74 54.39 -6.78
CA SER A 520 -34.57 55.75 -7.30
C SER A 520 -33.20 55.94 -7.94
N GLN A 521 -32.29 54.99 -7.70
CA GLN A 521 -30.95 55.08 -8.28
C GLN A 521 -30.88 54.60 -9.72
N GLY A 522 -31.86 53.81 -10.14
CA GLY A 522 -31.87 53.23 -11.47
C GLY A 522 -30.81 52.15 -11.60
N GLY A 523 -30.60 51.68 -12.83
CA GLY A 523 -29.54 50.72 -13.12
C GLY A 523 -29.59 49.45 -12.28
N ARG A 524 -28.41 48.91 -11.99
CA ARG A 524 -28.33 47.67 -11.22
C ARG A 524 -28.91 47.86 -9.81
N ALA A 525 -28.75 49.06 -9.25
CA ALA A 525 -29.27 49.34 -7.92
C ALA A 525 -30.79 49.13 -7.86
N ALA A 526 -31.48 49.64 -8.86
CA ALA A 526 -32.93 49.44 -8.96
C ALA A 526 -33.27 47.95 -9.10
N THR A 527 -32.47 47.22 -9.87
CA THR A 527 -32.66 45.76 -9.95
C THR A 527 -32.56 45.12 -8.56
N CYS A 528 -31.58 45.55 -7.76
CA CYS A 528 -31.46 45.03 -6.39
C CYS A 528 -32.72 45.33 -5.58
N GLY A 529 -33.23 46.55 -5.68
CA GLY A 529 -34.44 46.92 -4.97
C GLY A 529 -35.64 46.07 -5.39
N LYS A 530 -35.81 45.93 -6.71
CA LYS A 530 -36.98 45.23 -7.24
C LYS A 530 -37.00 43.74 -6.88
N TYR A 531 -35.86 43.07 -7.08
CA TYR A 531 -35.76 41.61 -6.90
C TYR A 531 -35.51 41.19 -5.44
N LEU A 532 -34.51 41.79 -4.80
CA LEU A 532 -34.15 41.35 -3.46
C LEU A 532 -35.23 41.63 -2.43
N PHE A 533 -35.99 42.70 -2.63
CA PHE A 533 -36.92 43.15 -1.60
C PHE A 533 -38.39 43.14 -2.05
N ASN A 534 -38.70 42.40 -3.11
CA ASN A 534 -40.09 42.28 -3.52
C ASN A 534 -40.95 41.70 -2.39
N TRP A 535 -40.35 40.86 -1.54
CA TRP A 535 -41.08 40.26 -0.42
C TRP A 535 -41.65 41.30 0.56
N ALA A 536 -41.08 42.49 0.55
CA ALA A 536 -41.38 43.45 1.61
C ALA A 536 -42.56 44.35 1.31
N VAL A 537 -43.00 44.40 0.05
CA VAL A 537 -44.07 45.32 -0.32
C VAL A 537 -45.43 44.65 -0.33
N LYS A 538 -46.48 45.45 -0.21
CA LYS A 538 -47.86 44.96 -0.24
C LYS A 538 -48.21 44.39 -1.61
N THR A 539 -48.05 45.21 -2.64
CA THR A 539 -48.34 44.78 -4.01
C THR A 539 -47.08 44.30 -4.72
N LYS A 540 -46.86 42.99 -4.68
CA LYS A 540 -45.67 42.39 -5.28
C LYS A 540 -45.63 42.56 -6.79
N LEU A 541 -44.44 42.83 -7.31
CA LEU A 541 -44.22 42.79 -8.74
C LEU A 541 -44.14 41.34 -9.18
N LYS A 542 -44.40 41.06 -10.45
CA LYS A 542 -44.13 39.73 -10.99
C LYS A 542 -42.76 39.76 -11.67
N LEU A 543 -41.78 39.12 -11.02
CA LEU A 543 -40.39 39.25 -11.44
C LEU A 543 -40.08 38.41 -12.68
N THR A 544 -39.26 38.98 -13.57
CA THR A 544 -38.89 38.34 -14.81
C THR A 544 -37.37 38.26 -14.95
N PRO A 545 -36.88 37.34 -15.79
CA PRO A 545 -35.44 37.09 -15.97
C PRO A 545 -34.62 38.35 -16.26
N ILE A 546 -33.48 38.48 -15.58
CA ILE A 546 -32.59 39.63 -15.76
C ILE A 546 -31.65 39.42 -16.95
N PRO A 547 -31.77 40.30 -17.97
CA PRO A 547 -31.03 40.20 -19.24
C PRO A 547 -29.52 40.05 -19.08
N ALA A 548 -28.92 40.82 -18.19
CA ALA A 548 -27.47 40.79 -18.03
C ALA A 548 -26.98 39.56 -17.26
N ALA A 549 -27.90 38.75 -16.77
CA ALA A 549 -27.54 37.59 -15.94
C ALA A 549 -26.65 36.61 -16.69
N SER A 550 -26.98 36.36 -17.95
CA SER A 550 -26.25 35.40 -18.77
C SER A 550 -24.80 35.81 -19.03
N GLN A 551 -24.49 37.08 -18.80
CA GLN A 551 -23.14 37.61 -19.06
C GLN A 551 -22.13 37.16 -18.03
N LEU A 552 -22.60 36.89 -16.81
CA LEU A 552 -21.70 36.45 -15.74
C LEU A 552 -21.03 35.14 -16.11
N ASP A 553 -19.71 35.11 -15.96
CA ASP A 553 -18.97 33.88 -16.18
C ASP A 553 -18.87 33.14 -14.85
N LEU A 554 -19.80 32.20 -14.63
CA LEU A 554 -19.86 31.45 -13.38
C LEU A 554 -19.29 30.05 -13.57
N SER A 555 -18.64 29.82 -14.70
CA SER A 555 -18.00 28.53 -14.96
C SER A 555 -16.73 28.45 -14.15
N GLY A 556 -16.73 27.59 -13.14
CA GLY A 556 -15.58 27.48 -12.26
C GLY A 556 -15.96 27.76 -10.83
N TRP A 557 -17.21 28.20 -10.64
CA TRP A 557 -17.72 28.49 -9.30
C TRP A 557 -17.96 27.25 -8.44
N PHE A 558 -18.54 26.23 -9.04
CA PHE A 558 -18.88 25.01 -8.33
C PHE A 558 -18.29 23.84 -9.09
N VAL A 559 -16.97 23.76 -9.08
CA VAL A 559 -16.26 22.66 -9.72
C VAL A 559 -15.60 21.82 -8.65
N ALA A 560 -14.90 22.48 -7.73
CA ALA A 560 -14.12 21.77 -6.73
C ALA A 560 -14.00 22.55 -5.42
N GLY A 561 -13.60 21.87 -4.37
CA GLY A 561 -13.40 22.51 -3.07
C GLY A 561 -11.94 22.89 -2.91
N TYR A 562 -11.69 23.99 -2.23
CA TYR A 562 -10.32 24.53 -2.10
C TYR A 562 -10.04 25.07 -0.72
N SER A 563 -10.79 24.61 0.27
CA SER A 563 -10.58 25.06 1.64
C SER A 563 -9.12 24.90 2.09
N GLY A 564 -8.50 26.02 2.46
CA GLY A 564 -7.11 26.01 2.91
C GLY A 564 -6.12 26.09 1.77
N GLY A 565 -6.60 26.08 0.52
CA GLY A 565 -5.74 25.94 -0.64
C GLY A 565 -5.30 27.22 -1.33
N ASP A 566 -5.58 28.37 -0.70
CA ASP A 566 -4.99 29.63 -1.18
C ASP A 566 -5.38 29.92 -2.63
N ILE A 567 -6.66 29.81 -2.94
CA ILE A 567 -7.14 30.01 -4.32
C ILE A 567 -8.01 31.28 -4.47
N TYR A 568 -7.75 32.03 -5.54
CA TYR A 568 -8.50 33.27 -5.83
C TYR A 568 -9.03 33.32 -7.27
N HIS A 569 -10.22 33.90 -7.44
CA HIS A 569 -10.79 34.08 -8.78
C HIS A 569 -11.43 35.46 -8.90
N HIS B 8 -11.80 -13.61 -3.28
CA HIS B 8 -10.36 -13.53 -3.37
C HIS B 8 -9.74 -14.94 -3.37
N HIS B 9 -10.18 -15.78 -4.31
CA HIS B 9 -9.69 -17.15 -4.39
C HIS B 9 -8.29 -17.19 -4.99
N SER B 10 -7.45 -18.08 -4.48
CA SER B 10 -6.12 -18.27 -5.04
C SER B 10 -6.17 -18.69 -6.51
N TYR B 11 -7.16 -19.51 -6.87
CA TYR B 11 -7.30 -20.02 -8.24
C TYR B 11 -8.76 -20.17 -8.60
N THR B 12 -9.06 -20.08 -9.90
CA THR B 12 -10.33 -20.58 -10.45
C THR B 12 -10.01 -21.61 -11.52
N TRP B 13 -10.90 -22.58 -11.70
CA TRP B 13 -10.60 -23.69 -12.60
C TRP B 13 -11.72 -23.91 -13.59
N THR B 14 -11.35 -24.41 -14.78
CA THR B 14 -12.36 -24.67 -15.81
C THR B 14 -12.81 -26.12 -15.80
N GLY B 15 -12.01 -26.99 -15.19
CA GLY B 15 -12.28 -28.42 -15.25
C GLY B 15 -11.36 -29.20 -16.16
N ALA B 16 -10.71 -28.51 -17.09
CA ALA B 16 -9.71 -29.16 -17.93
C ALA B 16 -8.60 -29.73 -17.07
N LEU B 17 -8.05 -30.88 -17.47
CA LEU B 17 -7.07 -31.58 -16.65
C LEU B 17 -5.69 -30.94 -16.76
N ILE B 18 -4.90 -31.10 -15.70
CA ILE B 18 -3.48 -30.83 -15.81
C ILE B 18 -2.83 -32.06 -16.44
N THR B 19 -2.28 -31.88 -17.63
CA THR B 19 -1.82 -33.00 -18.44
C THR B 19 -0.29 -33.14 -18.47
N PRO B 20 0.21 -34.36 -18.69
CA PRO B 20 1.64 -34.57 -18.80
C PRO B 20 2.14 -34.24 -20.20
N CYS B 21 3.45 -34.02 -20.35
CA CYS B 21 4.03 -33.80 -21.67
C CYS B 21 4.87 -35.00 -22.07
N ALA B 22 4.72 -36.09 -21.32
CA ALA B 22 5.43 -37.34 -21.58
C ALA B 22 4.87 -38.43 -20.66
N ALA B 23 5.19 -39.69 -20.97
CA ALA B 23 4.76 -40.79 -20.11
C ALA B 23 5.40 -40.63 -18.74
N GLU B 24 4.66 -40.98 -17.69
CA GLU B 24 5.15 -40.84 -16.32
C GLU B 24 5.19 -42.20 -15.61
N GLU B 25 6.21 -42.41 -14.80
CA GLU B 25 6.31 -43.59 -13.96
C GLU B 25 6.13 -43.19 -12.50
N SER B 26 5.43 -44.02 -11.73
CA SER B 26 5.26 -43.78 -10.29
C SER B 26 5.98 -44.83 -9.44
N LYS B 27 6.08 -46.04 -9.99
CA LYS B 27 6.72 -47.17 -9.33
C LYS B 27 8.24 -47.09 -9.51
N LEU B 28 8.99 -47.33 -8.45
CA LEU B 28 10.46 -47.32 -8.52
C LEU B 28 10.98 -48.29 -9.59
N PRO B 29 11.67 -47.77 -10.61
CA PRO B 29 12.32 -48.61 -11.61
C PRO B 29 13.42 -49.45 -10.95
N ILE B 30 13.56 -50.70 -11.36
CA ILE B 30 14.56 -51.56 -10.75
C ILE B 30 15.56 -52.05 -11.78
N ASN B 31 16.84 -51.99 -11.45
CA ASN B 31 17.84 -52.65 -12.28
C ASN B 31 18.79 -53.54 -11.46
N ALA B 32 19.93 -53.90 -12.05
CA ALA B 32 20.84 -54.83 -11.39
C ALA B 32 21.55 -54.20 -10.18
N LEU B 33 21.44 -52.89 -10.04
CA LEU B 33 22.15 -52.15 -8.99
C LEU B 33 21.25 -51.79 -7.81
N SER B 34 19.94 -51.82 -8.04
CA SER B 34 18.98 -51.32 -7.08
C SER B 34 19.16 -51.95 -5.70
N ASN B 35 19.26 -53.28 -5.65
CA ASN B 35 19.30 -54.00 -4.38
C ASN B 35 20.54 -53.72 -3.54
N SER B 36 21.61 -53.28 -4.19
CA SER B 36 22.81 -52.94 -3.45
C SER B 36 22.60 -51.68 -2.61
N LEU B 37 21.61 -50.86 -2.99
CA LEU B 37 21.29 -49.66 -2.21
C LEU B 37 20.15 -49.89 -1.21
N LEU B 38 19.02 -50.41 -1.67
CA LEU B 38 17.90 -50.69 -0.76
C LEU B 38 16.99 -51.81 -1.27
N ARG B 39 16.45 -52.58 -0.32
CA ARG B 39 15.63 -53.75 -0.66
C ARG B 39 14.12 -53.46 -0.68
N HIS B 40 13.66 -52.51 0.13
CA HIS B 40 12.22 -52.27 0.23
C HIS B 40 11.71 -51.31 -0.85
N HIS B 41 11.70 -51.80 -2.09
CA HIS B 41 11.35 -51.01 -3.27
C HIS B 41 9.97 -50.38 -3.22
N ASN B 42 9.00 -51.09 -2.63
CA ASN B 42 7.61 -50.60 -2.61
C ASN B 42 7.42 -49.35 -1.77
N MET B 43 8.45 -48.98 -1.02
CA MET B 43 8.37 -47.79 -0.19
C MET B 43 8.62 -46.51 -0.98
N VAL B 44 9.22 -46.65 -2.15
CA VAL B 44 9.62 -45.51 -2.94
C VAL B 44 8.65 -45.30 -4.10
N TYR B 45 8.25 -44.05 -4.30
CA TYR B 45 7.33 -43.71 -5.38
C TYR B 45 7.64 -42.34 -5.95
N ALA B 46 7.17 -42.09 -7.16
CA ALA B 46 7.20 -40.76 -7.76
C ALA B 46 5.78 -40.21 -7.92
N THR B 47 5.62 -38.91 -7.71
CA THR B 47 4.36 -38.26 -8.00
C THR B 47 4.17 -38.10 -9.52
N THR B 48 2.92 -38.10 -9.97
CA THR B 48 2.59 -37.90 -11.38
C THR B 48 1.38 -36.98 -11.53
N SER B 49 1.05 -36.66 -12.77
CA SER B 49 -0.11 -35.81 -13.05
C SER B 49 -1.42 -36.46 -12.63
N ARG B 50 -1.41 -37.77 -12.41
CA ARG B 50 -2.63 -38.49 -12.00
C ARG B 50 -3.24 -37.92 -10.73
N SER B 51 -2.41 -37.34 -9.87
CA SER B 51 -2.90 -36.78 -8.60
C SER B 51 -3.06 -35.25 -8.63
N ALA B 52 -2.84 -34.63 -9.79
CA ALA B 52 -2.87 -33.17 -9.88
C ALA B 52 -4.22 -32.60 -9.42
N GLY B 53 -5.31 -33.30 -9.70
CA GLY B 53 -6.63 -32.88 -9.26
C GLY B 53 -6.76 -32.71 -7.76
N LEU B 54 -6.17 -33.63 -7.01
CA LEU B 54 -6.15 -33.50 -5.56
C LEU B 54 -5.32 -32.29 -5.11
N ARG B 55 -4.22 -32.03 -5.81
CA ARG B 55 -3.40 -30.86 -5.48
C ARG B 55 -4.18 -29.58 -5.78
N GLN B 56 -4.89 -29.56 -6.90
CA GLN B 56 -5.73 -28.42 -7.25
C GLN B 56 -6.68 -28.05 -6.11
N LYS B 57 -7.35 -29.06 -5.56
CA LYS B 57 -8.25 -28.83 -4.44
C LYS B 57 -7.51 -28.18 -3.26
N LYS B 58 -6.37 -28.75 -2.91
CA LYS B 58 -5.60 -28.31 -1.75
C LYS B 58 -5.13 -26.85 -1.84
N VAL B 59 -4.78 -26.40 -3.05
CA VAL B 59 -4.17 -25.08 -3.20
C VAL B 59 -5.19 -23.98 -3.46
N THR B 60 -6.47 -24.38 -3.53
CA THR B 60 -7.53 -23.44 -3.87
C THR B 60 -8.32 -23.06 -2.64
N PHE B 61 -8.21 -21.80 -2.25
CA PHE B 61 -8.97 -21.30 -1.11
C PHE B 61 -9.07 -19.78 -1.12
N ASP B 62 -9.95 -19.28 -0.27
CA ASP B 62 -10.17 -17.85 -0.17
C ASP B 62 -9.11 -17.27 0.73
N ARG B 63 -8.63 -16.09 0.39
CA ARG B 63 -7.66 -15.38 1.22
C ARG B 63 -8.28 -14.10 1.75
N LEU B 64 -8.01 -13.82 3.02
CA LEU B 64 -8.42 -12.58 3.62
C LEU B 64 -7.20 -12.01 4.30
N GLN B 65 -7.03 -10.69 4.21
CA GLN B 65 -5.86 -10.07 4.81
C GLN B 65 -6.25 -8.85 5.60
N VAL B 66 -5.81 -8.82 6.85
CA VAL B 66 -6.02 -7.68 7.71
C VAL B 66 -4.65 -7.10 8.06
N LEU B 67 -4.35 -5.92 7.55
CA LEU B 67 -3.02 -5.32 7.67
C LEU B 67 -2.96 -4.15 8.62
N ASP B 68 -2.14 -4.29 9.65
CA ASP B 68 -2.09 -3.34 10.76
C ASP B 68 -0.81 -2.53 10.75
N ASP B 69 -0.60 -1.73 11.80
CA ASP B 69 0.54 -0.85 11.86
C ASP B 69 1.89 -1.57 11.99
N HIS B 70 1.92 -2.71 12.67
CA HIS B 70 3.15 -3.50 12.72
C HIS B 70 3.61 -3.86 11.30
N TYR B 71 2.66 -4.27 10.47
CA TYR B 71 2.95 -4.65 9.09
C TYR B 71 3.52 -3.47 8.30
N ARG B 72 2.84 -2.33 8.33
CA ARG B 72 3.32 -1.18 7.56
C ARG B 72 4.63 -0.61 8.12
N ASP B 73 4.82 -0.72 9.44
CA ASP B 73 6.08 -0.30 10.07
C ASP B 73 7.27 -1.09 9.53
N VAL B 74 7.15 -2.42 9.53
CA VAL B 74 8.19 -3.29 9.01
C VAL B 74 8.44 -3.01 7.53
N LEU B 75 7.35 -2.85 6.77
CA LEU B 75 7.48 -2.57 5.35
C LEU B 75 8.28 -1.30 5.12
N LYS B 76 8.00 -0.26 5.92
CA LYS B 76 8.74 0.99 5.75
C LYS B 76 10.24 0.82 5.98
N GLU B 77 10.59 0.04 7.00
CA GLU B 77 11.98 -0.25 7.31
C GLU B 77 12.63 -1.02 6.16
N MET B 78 11.91 -1.98 5.60
CA MET B 78 12.44 -2.76 4.48
C MET B 78 12.69 -1.87 3.27
N LYS B 79 11.77 -0.97 2.97
CA LYS B 79 11.93 -0.08 1.82
C LYS B 79 13.12 0.84 1.99
N ALA B 80 13.37 1.27 3.24
CA ALA B 80 14.52 2.14 3.51
C ALA B 80 15.82 1.44 3.12
N LYS B 81 15.94 0.16 3.46
CA LYS B 81 17.13 -0.60 3.07
C LYS B 81 17.16 -0.83 1.55
N ALA B 82 16.00 -1.15 0.97
CA ALA B 82 15.94 -1.41 -0.47
C ALA B 82 16.41 -0.21 -1.28
N SER B 83 16.12 0.98 -0.78
CA SER B 83 16.49 2.22 -1.45
C SER B 83 17.99 2.41 -1.57
N THR B 84 18.77 1.62 -0.84
CA THR B 84 20.23 1.68 -0.97
C THR B 84 20.76 0.80 -2.09
N VAL B 85 19.93 -0.06 -2.69
CA VAL B 85 20.49 -0.93 -3.74
C VAL B 85 20.43 -0.33 -5.13
N LYS B 86 21.49 -0.55 -5.89
CA LYS B 86 21.53 -0.16 -7.30
C LYS B 86 21.64 -1.43 -8.12
N ALA B 87 20.75 -1.59 -9.09
CA ALA B 87 20.72 -2.81 -9.89
C ALA B 87 20.76 -2.48 -11.39
N LYS B 88 21.34 -3.39 -12.17
CA LYS B 88 21.54 -3.15 -13.59
C LYS B 88 20.69 -4.10 -14.43
N LEU B 89 20.35 -3.66 -15.64
CA LEU B 89 19.76 -4.55 -16.63
C LEU B 89 20.82 -5.53 -17.12
N LEU B 90 20.43 -6.78 -17.31
CA LEU B 90 21.28 -7.70 -18.07
C LEU B 90 21.04 -7.49 -19.56
N SER B 91 22.09 -7.66 -20.36
CA SER B 91 21.94 -7.69 -21.80
C SER B 91 21.22 -8.96 -22.19
N VAL B 92 20.64 -8.99 -23.39
CA VAL B 92 20.02 -10.21 -23.88
C VAL B 92 21.01 -11.36 -23.82
N GLU B 93 22.25 -11.11 -24.22
CA GLU B 93 23.28 -12.14 -24.23
C GLU B 93 23.54 -12.71 -22.83
N GLU B 94 23.66 -11.84 -21.84
CA GLU B 94 23.92 -12.28 -20.46
C GLU B 94 22.77 -13.12 -19.93
N ALA B 95 21.54 -12.69 -20.23
CA ALA B 95 20.36 -13.41 -19.76
C ALA B 95 20.27 -14.76 -20.44
N CYS B 96 20.57 -14.80 -21.74
CA CYS B 96 20.58 -16.06 -22.46
C CYS B 96 21.53 -17.08 -21.82
N LYS B 97 22.71 -16.62 -21.39
CA LYS B 97 23.71 -17.56 -20.88
C LYS B 97 23.35 -18.14 -19.51
N LEU B 98 22.36 -17.54 -18.84
CA LEU B 98 21.83 -18.05 -17.58
C LEU B 98 20.75 -19.13 -17.77
N THR B 99 20.34 -19.37 -19.01
CA THR B 99 19.30 -20.36 -19.30
C THR B 99 19.83 -21.79 -19.25
N PRO B 100 19.16 -22.69 -18.50
CA PRO B 100 19.57 -24.10 -18.48
C PRO B 100 19.45 -24.78 -19.86
N PRO B 101 20.46 -25.57 -20.26
CA PRO B 101 20.46 -26.25 -21.55
C PRO B 101 19.19 -27.06 -21.84
N HIS B 102 18.51 -27.55 -20.81
CA HIS B 102 17.30 -28.35 -21.02
C HIS B 102 16.02 -27.67 -20.54
N SER B 103 16.04 -26.34 -20.51
CA SER B 103 14.86 -25.57 -20.12
C SER B 103 13.75 -25.74 -21.15
N ALA B 104 12.51 -25.66 -20.72
CA ALA B 104 11.39 -25.90 -21.64
C ALA B 104 11.46 -24.99 -22.87
N LYS B 105 11.38 -25.58 -24.05
CA LYS B 105 11.44 -24.81 -25.30
C LYS B 105 10.29 -23.81 -25.43
N SER B 106 10.48 -22.79 -26.27
CA SER B 106 9.43 -21.80 -26.48
C SER B 106 8.31 -22.35 -27.35
N LYS B 107 7.12 -21.77 -27.21
CA LYS B 107 6.00 -22.10 -28.09
C LYS B 107 6.22 -21.43 -29.45
N PHE B 108 7.28 -20.64 -29.55
CA PHE B 108 7.47 -19.79 -30.74
C PHE B 108 8.64 -20.18 -31.64
N GLY B 109 8.97 -21.46 -31.67
CA GLY B 109 9.88 -21.97 -32.69
C GLY B 109 11.36 -21.98 -32.35
N TYR B 110 11.70 -22.03 -31.07
CA TYR B 110 13.10 -22.19 -30.65
C TYR B 110 13.14 -22.79 -29.26
N GLY B 111 14.29 -23.31 -28.88
CA GLY B 111 14.46 -23.96 -27.59
C GLY B 111 15.60 -23.37 -26.79
N ALA B 112 15.91 -23.99 -25.66
CA ALA B 112 16.96 -23.51 -24.76
C ALA B 112 18.35 -23.48 -25.40
N LYS B 113 18.64 -24.45 -26.27
CA LYS B 113 19.93 -24.49 -26.95
C LYS B 113 20.09 -23.34 -27.94
N ASP B 114 19.01 -23.01 -28.62
CA ASP B 114 18.96 -21.84 -29.47
C ASP B 114 19.25 -20.59 -28.66
N VAL B 115 18.60 -20.49 -27.50
CA VAL B 115 18.81 -19.37 -26.59
C VAL B 115 20.28 -19.29 -26.15
N ARG B 116 20.85 -20.40 -25.69
CA ARG B 116 22.22 -20.40 -25.19
C ARG B 116 23.21 -20.08 -26.31
N ASN B 117 22.86 -20.45 -27.54
CA ASN B 117 23.71 -20.19 -28.70
C ASN B 117 23.54 -18.78 -29.28
N LEU B 118 22.67 -17.98 -28.66
CA LEU B 118 22.36 -16.63 -29.13
C LEU B 118 21.86 -16.67 -30.56
N SER B 119 21.06 -17.66 -30.89
CA SER B 119 20.55 -17.81 -32.25
C SER B 119 19.73 -16.59 -32.63
N SER B 120 19.82 -16.23 -33.91
CA SER B 120 19.10 -15.08 -34.44
C SER B 120 17.59 -15.14 -34.17
N LYS B 121 16.99 -16.31 -34.38
CA LYS B 121 15.54 -16.43 -34.19
C LYS B 121 15.11 -16.24 -32.74
N ALA B 122 15.85 -16.84 -31.82
CA ALA B 122 15.58 -16.73 -30.40
C ALA B 122 15.77 -15.29 -29.93
N VAL B 123 16.92 -14.72 -30.27
CA VAL B 123 17.23 -13.35 -29.86
C VAL B 123 16.22 -12.34 -30.41
N ASN B 124 15.80 -12.52 -31.67
CA ASN B 124 14.77 -11.67 -32.25
C ASN B 124 13.46 -11.71 -31.47
N HIS B 125 13.02 -12.91 -31.13
CA HIS B 125 11.77 -13.07 -30.38
C HIS B 125 11.86 -12.49 -28.98
N ILE B 126 12.98 -12.73 -28.32
CA ILE B 126 13.25 -12.11 -27.01
C ILE B 126 13.14 -10.58 -27.07
N HIS B 127 13.80 -9.97 -28.04
CA HIS B 127 13.66 -8.53 -28.21
C HIS B 127 12.20 -8.10 -28.40
N SER B 128 11.40 -8.90 -29.11
CA SER B 128 10.01 -8.54 -29.33
C SER B 128 9.17 -8.68 -28.06
N VAL B 129 9.44 -9.72 -27.27
CA VAL B 129 8.80 -9.86 -25.96
C VAL B 129 9.14 -8.64 -25.08
N TRP B 130 10.40 -8.22 -25.11
CA TRP B 130 10.82 -7.09 -24.28
C TRP B 130 10.11 -5.79 -24.68
N LYS B 131 10.11 -5.52 -25.98
CA LYS B 131 9.43 -4.34 -26.50
C LYS B 131 7.95 -4.34 -26.09
N ASP B 132 7.33 -5.52 -26.17
CA ASP B 132 5.93 -5.67 -25.76
C ASP B 132 5.73 -5.41 -24.25
N LEU B 133 6.66 -5.84 -23.41
CA LEU B 133 6.56 -5.53 -21.99
C LEU B 133 6.56 -4.02 -21.74
N LEU B 134 7.37 -3.30 -22.51
CA LEU B 134 7.50 -1.86 -22.35
C LEU B 134 6.25 -1.12 -22.81
N GLU B 135 5.55 -1.69 -23.79
CA GLU B 135 4.44 -1.00 -24.44
C GLU B 135 3.07 -1.35 -23.88
N ASP B 136 2.96 -2.54 -23.30
CA ASP B 136 1.68 -3.03 -22.76
C ASP B 136 1.93 -3.39 -21.30
N THR B 137 1.25 -2.72 -20.38
CA THR B 137 1.42 -3.00 -18.94
C THR B 137 0.17 -3.61 -18.33
N VAL B 138 -0.68 -4.17 -19.19
CA VAL B 138 -2.02 -4.59 -18.80
C VAL B 138 -2.37 -6.06 -19.12
N THR B 139 -2.03 -6.53 -20.32
CA THR B 139 -2.55 -7.82 -20.79
C THR B 139 -1.89 -9.00 -20.08
N PRO B 140 -2.69 -9.81 -19.37
CA PRO B 140 -2.09 -10.97 -18.68
C PRO B 140 -1.30 -11.88 -19.63
N ILE B 141 -0.17 -12.36 -19.13
CA ILE B 141 0.73 -13.21 -19.89
C ILE B 141 0.39 -14.70 -19.66
N ASP B 142 0.38 -15.48 -20.72
CA ASP B 142 0.05 -16.89 -20.62
C ASP B 142 1.06 -17.64 -19.75
N THR B 143 0.60 -18.68 -19.06
CA THR B 143 1.53 -19.57 -18.36
C THR B 143 1.12 -21.00 -18.62
N THR B 144 2.07 -21.91 -18.45
CA THR B 144 1.78 -23.33 -18.51
C THR B 144 1.74 -23.86 -17.08
N ILE B 145 0.76 -24.73 -16.81
CA ILE B 145 0.70 -25.44 -15.53
C ILE B 145 1.04 -26.93 -15.75
N MET B 146 1.97 -27.45 -14.96
CA MET B 146 2.36 -28.85 -15.03
C MET B 146 2.43 -29.47 -13.65
N ALA B 147 2.26 -30.79 -13.58
CA ALA B 147 2.51 -31.53 -12.36
C ALA B 147 3.98 -31.93 -12.30
N LYS B 148 4.62 -31.70 -11.15
CA LYS B 148 6.01 -32.09 -10.97
C LYS B 148 6.11 -33.59 -10.72
N ASN B 149 7.13 -34.23 -11.30
CA ASN B 149 7.44 -35.62 -10.94
C ASN B 149 8.55 -35.62 -9.91
N GLU B 150 8.20 -35.87 -8.64
CA GLU B 150 9.18 -35.93 -7.58
C GLU B 150 9.09 -37.22 -6.78
N VAL B 151 10.24 -37.66 -6.29
CA VAL B 151 10.37 -38.96 -5.63
C VAL B 151 10.39 -38.84 -4.11
N PHE B 152 9.62 -39.69 -3.43
CA PHE B 152 9.50 -39.67 -1.97
C PHE B 152 9.43 -41.09 -1.42
N CYS B 153 9.50 -41.21 -0.09
CA CYS B 153 9.23 -42.47 0.59
C CYS B 153 7.84 -42.41 1.22
N VAL B 154 7.07 -43.48 1.11
CA VAL B 154 5.75 -43.54 1.72
C VAL B 154 5.82 -43.16 3.20
N GLN B 155 4.77 -42.50 3.69
CA GLN B 155 4.77 -41.93 5.04
C GLN B 155 5.85 -40.85 5.17
N ARG B 161 0.50 -41.35 0.40
CA ARG B 161 1.33 -40.78 -0.66
C ARG B 161 0.86 -39.38 -1.00
N LYS B 162 1.80 -38.46 -1.16
CA LYS B 162 1.44 -37.08 -1.44
C LYS B 162 1.14 -36.86 -2.93
N PRO B 163 0.18 -35.98 -3.22
CA PRO B 163 -0.14 -35.68 -4.62
C PRO B 163 0.94 -34.77 -5.23
N ALA B 164 1.03 -34.76 -6.55
CA ALA B 164 2.02 -33.95 -7.24
C ALA B 164 1.94 -32.49 -6.83
N ARG B 165 3.10 -31.86 -6.71
CA ARG B 165 3.17 -30.41 -6.61
C ARG B 165 3.02 -29.88 -8.02
N LEU B 166 2.61 -28.62 -8.12
CA LEU B 166 2.40 -27.97 -9.42
C LEU B 166 3.51 -26.97 -9.72
N ILE B 167 3.79 -26.79 -11.01
CA ILE B 167 4.70 -25.72 -11.44
C ILE B 167 3.96 -24.87 -12.47
N VAL B 168 4.07 -23.55 -12.33
CA VAL B 168 3.40 -22.62 -13.22
C VAL B 168 4.45 -21.66 -13.77
N PHE B 169 4.62 -21.64 -15.09
CA PHE B 169 5.71 -20.86 -15.70
C PHE B 169 5.34 -20.24 -17.03
N PRO B 170 5.89 -19.05 -17.33
CA PRO B 170 5.63 -18.40 -18.62
C PRO B 170 6.57 -18.96 -19.69
N ASP B 171 6.37 -18.54 -20.94
CA ASP B 171 7.18 -19.03 -22.06
C ASP B 171 8.65 -18.65 -21.92
N LEU B 172 9.51 -19.41 -22.58
CA LEU B 172 10.96 -19.20 -22.56
C LEU B 172 11.38 -17.77 -22.87
N GLY B 173 10.77 -17.14 -23.88
CA GLY B 173 11.09 -15.76 -24.19
C GLY B 173 10.86 -14.82 -23.02
N VAL B 174 9.73 -14.99 -22.34
CA VAL B 174 9.44 -14.20 -21.16
C VAL B 174 10.45 -14.46 -20.03
N ARG B 175 10.85 -15.71 -19.87
CA ARG B 175 11.80 -16.03 -18.80
C ARG B 175 13.13 -15.31 -19.02
N VAL B 176 13.53 -15.20 -20.28
CA VAL B 176 14.78 -14.51 -20.59
C VAL B 176 14.61 -13.03 -20.25
N CYS B 177 13.47 -12.46 -20.59
CA CYS B 177 13.15 -11.08 -20.25
C CYS B 177 13.13 -10.84 -18.72
N GLU B 178 12.60 -11.80 -17.97
CA GLU B 178 12.66 -11.70 -16.51
C GLU B 178 14.10 -11.52 -16.03
N LYS B 179 15.01 -12.36 -16.52
CA LYS B 179 16.42 -12.25 -16.19
C LYS B 179 16.96 -10.84 -16.50
N MET B 180 16.65 -10.32 -17.68
CA MET B 180 17.15 -8.99 -18.02
C MET B 180 16.71 -7.93 -17.02
N ALA B 181 15.42 -7.96 -16.69
CA ALA B 181 14.86 -6.94 -15.80
C ALA B 181 15.24 -7.13 -14.34
N LEU B 182 15.36 -8.39 -13.92
CA LEU B 182 15.32 -8.70 -12.49
C LEU B 182 16.43 -9.59 -11.92
N TYR B 183 17.29 -10.17 -12.75
CA TYR B 183 18.30 -11.07 -12.20
C TYR B 183 19.17 -10.38 -11.15
N ASP B 184 19.67 -9.20 -11.49
CA ASP B 184 20.52 -8.46 -10.56
C ASP B 184 19.75 -8.07 -9.29
N VAL B 185 18.50 -7.64 -9.46
CA VAL B 185 17.67 -7.30 -8.30
C VAL B 185 17.49 -8.50 -7.35
N VAL B 186 17.04 -9.63 -7.88
CA VAL B 186 16.73 -10.77 -7.00
C VAL B 186 18.01 -11.39 -6.44
N SER B 187 19.15 -11.07 -7.03
CA SER B 187 20.44 -11.59 -6.56
C SER B 187 21.05 -10.73 -5.46
N THR B 188 20.65 -9.46 -5.41
CA THR B 188 21.33 -8.47 -4.56
C THR B 188 20.43 -7.89 -3.47
N LEU B 189 19.14 -7.71 -3.78
CA LEU B 189 18.21 -7.04 -2.87
C LEU B 189 17.94 -7.74 -1.54
N PRO B 190 17.66 -9.05 -1.57
CA PRO B 190 17.30 -9.79 -0.35
C PRO B 190 18.31 -9.62 0.80
N GLN B 191 19.59 -9.77 0.52
CA GLN B 191 20.57 -9.66 1.58
C GLN B 191 20.67 -8.23 2.11
N VAL B 192 20.45 -7.23 1.25
CA VAL B 192 20.49 -5.85 1.72
C VAL B 192 19.30 -5.56 2.64
N VAL B 193 18.12 -6.04 2.25
CA VAL B 193 16.90 -5.77 3.01
C VAL B 193 16.85 -6.55 4.32
N MET B 194 17.27 -7.82 4.27
CA MET B 194 17.10 -8.73 5.39
C MET B 194 18.37 -9.03 6.19
N GLY B 195 19.51 -8.55 5.71
CA GLY B 195 20.77 -8.72 6.43
C GLY B 195 21.08 -10.18 6.74
N SER B 196 21.53 -10.44 7.96
CA SER B 196 21.94 -11.80 8.34
C SER B 196 20.78 -12.81 8.35
N SER B 197 19.55 -12.32 8.27
CA SER B 197 18.37 -13.18 8.26
C SER B 197 18.12 -13.86 6.90
N TYR B 198 18.80 -13.38 5.86
CA TYR B 198 18.61 -13.96 4.52
C TYR B 198 19.39 -15.28 4.38
N GLY B 199 18.65 -16.39 4.33
CA GLY B 199 19.28 -17.70 4.44
C GLY B 199 20.16 -18.10 3.27
N PHE B 200 19.85 -17.61 2.07
CA PHE B 200 20.51 -18.12 0.87
C PHE B 200 21.93 -17.59 0.67
N GLN B 201 22.33 -16.63 1.51
CA GLN B 201 23.69 -16.12 1.46
C GLN B 201 24.69 -17.07 2.14
N TYR B 202 24.20 -18.17 2.71
CA TYR B 202 25.04 -19.03 3.55
C TYR B 202 25.28 -20.40 2.91
N SER B 203 26.52 -20.86 2.93
CA SER B 203 26.80 -22.28 2.71
C SER B 203 26.22 -23.06 3.90
N PRO B 204 26.17 -24.40 3.79
CA PRO B 204 25.62 -25.14 4.93
C PRO B 204 26.37 -24.84 6.21
N GLY B 205 27.69 -24.80 6.13
CA GLY B 205 28.52 -24.57 7.30
C GLY B 205 28.28 -23.17 7.86
N GLN B 206 28.05 -22.21 6.98
CA GLN B 206 27.80 -20.84 7.43
C GLN B 206 26.41 -20.71 8.05
N ARG B 207 25.44 -21.50 7.55
CA ARG B 207 24.11 -21.53 8.12
C ARG B 207 24.17 -22.07 9.55
N VAL B 208 24.95 -23.12 9.74
CA VAL B 208 25.13 -23.72 11.06
C VAL B 208 25.74 -22.69 12.01
N GLU B 209 26.75 -21.99 11.51
CA GLU B 209 27.45 -20.98 12.28
C GLU B 209 26.50 -19.87 12.72
N PHE B 210 25.68 -19.38 11.79
CA PHE B 210 24.69 -18.37 12.13
C PHE B 210 23.64 -18.86 13.16
N LEU B 211 23.16 -20.08 13.01
CA LEU B 211 22.18 -20.62 13.94
C LEU B 211 22.78 -20.77 15.33
N VAL B 212 24.00 -21.32 15.40
CA VAL B 212 24.62 -21.55 16.70
C VAL B 212 24.91 -20.23 17.42
N ASN B 213 25.55 -19.30 16.72
CA ASN B 213 25.82 -17.97 17.29
C ASN B 213 24.55 -17.22 17.72
N THR B 214 23.48 -17.34 16.94
CA THR B 214 22.21 -16.71 17.29
C THR B 214 21.66 -17.34 18.57
N TRP B 215 21.70 -18.66 18.63
CA TRP B 215 21.24 -19.40 19.80
C TRP B 215 22.00 -18.96 21.05
N LYS B 216 23.33 -18.90 20.93
CA LYS B 216 24.19 -18.52 22.05
C LYS B 216 23.99 -17.07 22.49
N SER B 217 23.46 -16.24 21.58
CA SER B 217 23.29 -14.81 21.85
C SER B 217 22.11 -14.50 22.78
N LYS B 218 21.20 -15.46 22.93
CA LYS B 218 20.05 -15.26 23.80
C LYS B 218 20.42 -15.72 25.22
N LYS B 219 19.90 -15.00 26.22
CA LYS B 219 20.10 -15.43 27.60
C LYS B 219 19.44 -16.79 27.82
N ASN B 220 18.18 -16.90 27.41
CA ASN B 220 17.44 -18.15 27.54
C ASN B 220 16.75 -18.47 26.21
N PRO B 221 17.51 -19.03 25.25
CA PRO B 221 17.00 -19.19 23.89
C PRO B 221 15.78 -20.09 23.78
N MET B 222 14.86 -19.70 22.90
CA MET B 222 13.79 -20.56 22.44
C MET B 222 13.71 -20.41 20.93
N GLY B 223 13.39 -21.49 20.22
CA GLY B 223 13.30 -21.43 18.77
C GLY B 223 12.15 -22.24 18.22
N PHE B 224 11.68 -21.85 17.04
CA PHE B 224 10.64 -22.62 16.38
C PHE B 224 10.72 -22.48 14.87
N SER B 225 10.29 -23.51 14.16
CA SER B 225 10.08 -23.38 12.73
C SER B 225 8.61 -23.06 12.52
N TYR B 226 8.31 -22.24 11.52
CA TYR B 226 6.92 -21.94 11.18
C TYR B 226 6.62 -22.38 9.77
N ASP B 227 5.69 -23.31 9.66
CA ASP B 227 5.30 -23.93 8.41
C ASP B 227 4.00 -23.33 7.88
N THR B 228 4.08 -22.45 6.87
CA THR B 228 2.88 -21.87 6.29
C THR B 228 2.20 -22.87 5.37
N ARG B 229 0.91 -23.07 5.52
CA ARG B 229 0.20 -24.01 4.65
C ARG B 229 0.13 -23.52 3.21
N CYS B 230 0.74 -24.26 2.27
CA CYS B 230 0.74 -23.88 0.85
C CYS B 230 1.09 -22.41 0.67
N PHE B 231 2.32 -22.04 0.98
CA PHE B 231 2.72 -20.64 0.99
C PHE B 231 2.36 -19.90 -0.30
N ASP B 232 2.63 -20.50 -1.46
CA ASP B 232 2.38 -19.80 -2.72
C ASP B 232 0.93 -19.38 -2.85
N SER B 233 0.01 -20.23 -2.39
CA SER B 233 -1.42 -19.93 -2.51
C SER B 233 -1.88 -18.87 -1.52
N THR B 234 -1.09 -18.63 -0.48
CA THR B 234 -1.43 -17.63 0.53
C THR B 234 -1.02 -16.22 0.10
N VAL B 235 -0.16 -16.16 -0.92
CA VAL B 235 0.35 -14.89 -1.42
C VAL B 235 -0.72 -14.16 -2.24
N THR B 236 -1.06 -12.94 -1.84
CA THR B 236 -2.18 -12.21 -2.42
C THR B 236 -1.74 -11.17 -3.44
N GLU B 237 -2.69 -10.57 -4.15
CA GLU B 237 -2.35 -9.47 -5.05
C GLU B 237 -1.65 -8.34 -4.27
N ASN B 238 -2.17 -8.02 -3.09
CA ASN B 238 -1.51 -7.03 -2.23
C ASN B 238 -0.04 -7.38 -2.02
N ASP B 239 0.22 -8.63 -1.66
CA ASP B 239 1.59 -9.05 -1.35
C ASP B 239 2.51 -8.81 -2.54
N ILE B 240 2.00 -9.13 -3.72
CA ILE B 240 2.80 -9.10 -4.92
C ILE B 240 3.04 -7.65 -5.33
N ARG B 241 2.06 -6.80 -5.09
CA ARG B 241 2.22 -5.37 -5.35
C ARG B 241 3.20 -4.75 -4.35
N VAL B 242 3.17 -5.23 -3.11
CA VAL B 242 4.08 -4.76 -2.07
C VAL B 242 5.51 -5.16 -2.47
N GLU B 243 5.66 -6.38 -2.97
CA GLU B 243 6.97 -6.82 -3.48
C GLU B 243 7.46 -5.89 -4.58
N GLU B 244 6.59 -5.58 -5.54
CA GLU B 244 6.99 -4.64 -6.58
C GLU B 244 7.45 -3.30 -6.00
N SER B 245 6.72 -2.81 -4.99
CA SER B 245 7.07 -1.50 -4.40
C SER B 245 8.47 -1.55 -3.79
N ILE B 246 8.84 -2.70 -3.26
CA ILE B 246 10.18 -2.89 -2.73
C ILE B 246 11.20 -2.89 -3.87
N TYR B 247 10.93 -3.65 -4.95
CA TYR B 247 11.86 -3.66 -6.08
C TYR B 247 12.07 -2.23 -6.58
N GLN B 248 10.98 -1.44 -6.62
CA GLN B 248 11.06 -0.11 -7.22
C GLN B 248 11.81 0.88 -6.33
N CYS B 249 12.05 0.50 -5.09
CA CYS B 249 12.90 1.35 -4.23
C CYS B 249 14.33 1.40 -4.73
N CYS B 250 14.75 0.37 -5.46
CA CYS B 250 16.11 0.29 -6.00
C CYS B 250 16.39 1.41 -6.99
N ASP B 251 17.67 1.74 -7.14
CA ASP B 251 18.14 2.62 -8.18
C ASP B 251 18.22 1.80 -9.47
N LEU B 252 17.29 2.05 -10.38
CA LEU B 252 17.12 1.24 -11.59
C LEU B 252 17.11 2.10 -12.86
N ALA B 253 17.52 1.52 -13.98
CA ALA B 253 17.33 2.15 -15.28
C ALA B 253 15.83 2.32 -15.56
N PRO B 254 15.45 3.41 -16.24
CA PRO B 254 14.02 3.60 -16.52
C PRO B 254 13.39 2.42 -17.26
N GLU B 255 14.13 1.80 -18.18
CA GLU B 255 13.56 0.67 -18.92
C GLU B 255 13.30 -0.50 -17.98
N ALA B 256 14.18 -0.65 -17.00
CA ALA B 256 14.02 -1.70 -16.00
C ALA B 256 12.79 -1.43 -15.10
N ARG B 257 12.58 -0.18 -14.69
CA ARG B 257 11.37 0.17 -13.92
C ARG B 257 10.09 -0.21 -14.66
N GLN B 258 10.06 0.10 -15.95
CA GLN B 258 8.88 -0.18 -16.78
C GLN B 258 8.67 -1.67 -16.95
N ALA B 259 9.74 -2.42 -17.21
CA ALA B 259 9.66 -3.87 -17.37
C ALA B 259 9.18 -4.55 -16.09
N ILE B 260 9.66 -4.05 -14.96
CA ILE B 260 9.28 -4.60 -13.66
C ILE B 260 7.82 -4.30 -13.31
N LYS B 261 7.37 -3.09 -13.61
CA LYS B 261 5.95 -2.77 -13.46
C LYS B 261 5.11 -3.69 -14.33
N SER B 262 5.54 -3.87 -15.57
CA SER B 262 4.77 -4.65 -16.53
C SER B 262 4.72 -6.14 -16.15
N LEU B 263 5.88 -6.69 -15.78
CA LEU B 263 5.91 -8.09 -15.39
C LEU B 263 5.04 -8.30 -14.15
N THR B 264 5.01 -7.31 -13.26
CA THR B 264 4.17 -7.43 -12.07
C THR B 264 2.68 -7.46 -12.45
N GLU B 265 2.25 -6.51 -13.27
CA GLU B 265 0.84 -6.41 -13.64
C GLU B 265 0.38 -7.61 -14.47
N ARG B 266 1.24 -8.07 -15.38
CA ARG B 266 0.86 -9.05 -16.38
C ARG B 266 1.17 -10.50 -16.06
N LEU B 267 2.18 -10.72 -15.22
CA LEU B 267 2.62 -12.07 -14.89
C LEU B 267 2.59 -12.36 -13.38
N TYR B 268 3.25 -11.52 -12.58
CA TYR B 268 3.40 -11.86 -11.18
C TYR B 268 2.07 -11.87 -10.38
N ILE B 269 1.19 -10.91 -10.62
CA ILE B 269 -0.06 -10.88 -9.84
C ILE B 269 -1.03 -12.01 -10.21
N GLY B 270 -0.90 -12.52 -11.43
CA GLY B 270 -1.80 -13.57 -11.86
C GLY B 270 -1.87 -13.67 -13.37
N GLY B 271 -2.69 -14.60 -13.84
CA GLY B 271 -2.81 -14.85 -15.27
C GLY B 271 -3.42 -16.19 -15.56
N PRO B 272 -3.75 -16.43 -16.84
CA PRO B 272 -4.37 -17.69 -17.25
C PRO B 272 -3.40 -18.87 -17.19
N LEU B 273 -3.97 -20.05 -16.93
CA LEU B 273 -3.21 -21.28 -16.80
C LEU B 273 -3.57 -22.18 -17.98
N THR B 274 -2.57 -22.62 -18.72
CA THR B 274 -2.80 -23.45 -19.91
C THR B 274 -2.10 -24.79 -19.71
N ASN B 275 -2.78 -25.90 -20.01
CA ASN B 275 -2.11 -27.19 -19.87
C ASN B 275 -1.20 -27.49 -21.05
N SER B 276 -0.47 -28.60 -20.98
CA SER B 276 0.51 -28.94 -22.00
C SER B 276 -0.15 -29.21 -23.37
N LYS B 277 -1.48 -29.36 -23.38
CA LYS B 277 -2.20 -29.59 -24.64
C LYS B 277 -2.85 -28.32 -25.14
N GLY B 278 -2.58 -27.20 -24.47
CA GLY B 278 -3.10 -25.92 -24.90
C GLY B 278 -4.52 -25.56 -24.50
N GLN B 279 -5.11 -26.32 -23.59
CA GLN B 279 -6.44 -25.97 -23.08
C GLN B 279 -6.35 -25.05 -21.88
N ASN B 280 -7.32 -24.15 -21.75
CA ASN B 280 -7.44 -23.31 -20.56
C ASN B 280 -7.83 -24.11 -19.32
N CYS B 281 -6.96 -24.15 -18.32
CA CYS B 281 -7.23 -24.88 -17.08
C CYS B 281 -7.86 -24.00 -16.01
N GLY B 282 -7.67 -22.69 -16.12
CA GLY B 282 -8.13 -21.81 -15.07
C GLY B 282 -7.33 -20.52 -14.98
N TYR B 283 -7.36 -19.90 -13.80
CA TYR B 283 -6.77 -18.59 -13.63
C TYR B 283 -6.13 -18.49 -12.25
N ARG B 284 -4.93 -17.91 -12.21
CA ARG B 284 -4.17 -17.79 -10.97
C ARG B 284 -4.22 -16.37 -10.44
N ARG B 285 -4.46 -16.20 -9.14
CA ARG B 285 -4.33 -14.90 -8.49
C ARG B 285 -3.43 -14.98 -7.26
N CYS B 286 -2.44 -15.87 -7.31
CA CYS B 286 -1.46 -16.01 -6.25
C CYS B 286 -0.06 -16.15 -6.87
N ARG B 287 0.93 -16.44 -6.04
CA ARG B 287 2.31 -16.61 -6.51
C ARG B 287 2.40 -17.70 -7.58
N ALA B 288 3.05 -17.38 -8.70
CA ALA B 288 3.48 -18.39 -9.66
C ALA B 288 4.73 -19.09 -9.11
N SER B 289 4.73 -20.42 -9.09
CA SER B 289 5.86 -21.19 -8.57
C SER B 289 7.09 -21.26 -9.48
N GLY B 290 6.93 -20.87 -10.73
CA GLY B 290 7.97 -20.99 -11.74
C GLY B 290 8.33 -19.68 -12.42
N VAL B 291 8.58 -18.63 -11.63
CA VAL B 291 9.05 -17.38 -12.21
C VAL B 291 10.34 -16.96 -11.49
N LEU B 292 11.07 -16.01 -12.06
CA LEU B 292 12.38 -15.66 -11.51
C LEU B 292 12.27 -15.15 -10.07
N THR B 293 11.16 -14.47 -9.78
CA THR B 293 10.95 -13.81 -8.50
C THR B 293 10.30 -14.72 -7.45
N THR B 294 10.05 -15.98 -7.77
CA THR B 294 9.42 -16.85 -6.80
C THR B 294 10.19 -16.90 -5.47
N SER B 295 11.50 -17.11 -5.54
CA SER B 295 12.30 -17.21 -4.32
C SER B 295 12.40 -15.87 -3.57
N CYS B 296 12.81 -14.83 -4.26
CA CYS B 296 12.97 -13.51 -3.63
C CYS B 296 11.62 -12.98 -3.10
N GLY B 297 10.56 -13.12 -3.90
CA GLY B 297 9.25 -12.67 -3.48
C GLY B 297 8.77 -13.42 -2.24
N ASN B 298 8.94 -14.74 -2.24
CA ASN B 298 8.53 -15.52 -1.07
C ASN B 298 9.34 -15.12 0.16
N THR B 299 10.65 -14.92 -0.02
CA THR B 299 11.53 -14.61 1.10
C THR B 299 11.13 -13.27 1.73
N LEU B 300 10.97 -12.25 0.90
CA LEU B 300 10.59 -10.91 1.37
C LEU B 300 9.24 -10.92 2.07
N THR B 301 8.28 -11.63 1.48
CA THR B 301 6.92 -11.63 2.02
C THR B 301 6.85 -12.43 3.32
N CYS B 302 7.56 -13.55 3.36
CA CYS B 302 7.64 -14.34 4.59
C CYS B 302 8.32 -13.54 5.71
N TYR B 303 9.43 -12.89 5.37
CA TYR B 303 10.15 -12.04 6.32
C TYR B 303 9.29 -10.87 6.84
N LEU B 304 8.61 -10.20 5.91
CA LEU B 304 7.74 -9.07 6.26
C LEU B 304 6.66 -9.51 7.25
N LYS B 305 5.90 -10.54 6.88
CA LYS B 305 4.82 -11.05 7.72
C LYS B 305 5.31 -11.55 9.09
N ALA B 306 6.40 -12.33 9.10
CA ALA B 306 6.94 -12.88 10.34
C ALA B 306 7.47 -11.78 11.29
N SER B 307 8.17 -10.81 10.73
CA SER B 307 8.70 -9.68 11.51
C SER B 307 7.57 -8.91 12.19
N ALA B 308 6.51 -8.64 11.44
CA ALA B 308 5.34 -7.96 11.98
C ALA B 308 4.61 -8.81 13.03
N ALA B 309 4.53 -10.11 12.78
CA ALA B 309 3.88 -11.02 13.72
C ALA B 309 4.67 -11.12 15.01
N CYS B 310 6.00 -11.08 14.90
CA CYS B 310 6.87 -11.09 16.07
C CYS B 310 6.49 -9.91 16.95
N ARG B 311 6.24 -8.76 16.33
CA ARG B 311 5.89 -7.56 17.08
C ARG B 311 4.48 -7.65 17.68
N ALA B 312 3.53 -8.11 16.88
CA ALA B 312 2.16 -8.28 17.32
C ALA B 312 2.06 -9.23 18.51
N ALA B 313 2.86 -10.29 18.49
CA ALA B 313 2.81 -11.30 19.55
C ALA B 313 3.72 -10.94 20.72
N LYS B 314 4.43 -9.82 20.61
CA LYS B 314 5.34 -9.37 21.65
C LYS B 314 6.46 -10.36 21.96
N LEU B 315 6.88 -11.14 20.97
CA LEU B 315 8.05 -11.98 21.15
C LEU B 315 9.26 -11.10 21.44
N GLN B 316 10.09 -11.52 22.39
CA GLN B 316 11.23 -10.70 22.77
C GLN B 316 12.49 -11.07 22.02
N ASP B 317 13.04 -10.09 21.30
CA ASP B 317 14.30 -10.24 20.61
C ASP B 317 14.29 -11.37 19.56
N CYS B 318 13.30 -11.34 18.66
CA CYS B 318 13.21 -12.30 17.56
C CYS B 318 14.38 -12.14 16.59
N THR B 319 15.03 -13.24 16.26
CA THR B 319 15.98 -13.27 15.14
C THR B 319 15.42 -14.25 14.11
N MET B 320 15.26 -13.81 12.88
CA MET B 320 14.67 -14.65 11.84
C MET B 320 15.75 -15.30 10.99
N LEU B 321 15.46 -16.47 10.44
CA LEU B 321 16.26 -17.02 9.36
C LEU B 321 15.27 -17.49 8.32
N VAL B 322 15.29 -16.83 7.15
CA VAL B 322 14.28 -17.04 6.13
C VAL B 322 14.88 -17.50 4.80
N ASN B 323 14.29 -18.54 4.23
CA ASN B 323 14.71 -19.09 2.93
C ASN B 323 13.42 -19.36 2.16
N GLY B 324 13.00 -18.43 1.31
CA GLY B 324 11.72 -18.58 0.64
C GLY B 324 10.57 -18.66 1.63
N ASP B 325 9.78 -19.72 1.56
CA ASP B 325 8.66 -19.91 2.48
C ASP B 325 9.09 -20.61 3.77
N ASP B 326 10.37 -20.92 3.87
CA ASP B 326 10.91 -21.63 5.03
C ASP B 326 11.38 -20.65 6.11
N LEU B 327 10.82 -20.77 7.30
CA LEU B 327 11.05 -19.79 8.35
C LEU B 327 11.42 -20.42 9.68
N VAL B 328 12.50 -19.94 10.28
CA VAL B 328 12.80 -20.29 11.67
C VAL B 328 13.02 -19.01 12.46
N VAL B 329 12.59 -19.01 13.72
CA VAL B 329 12.73 -17.86 14.59
C VAL B 329 13.39 -18.31 15.90
N ILE B 330 14.38 -17.55 16.34
CA ILE B 330 15.03 -17.78 17.62
C ILE B 330 14.86 -16.50 18.44
N CYS B 331 14.33 -16.64 19.66
CA CYS B 331 14.04 -15.47 20.48
C CYS B 331 14.33 -15.72 21.95
N GLU B 332 13.98 -14.76 22.80
CA GLU B 332 14.16 -14.94 24.24
C GLU B 332 12.95 -15.68 24.80
N SER B 333 13.19 -16.66 25.67
CA SER B 333 12.11 -17.41 26.28
C SER B 333 11.39 -16.56 27.31
N ALA B 334 10.09 -16.80 27.49
CA ALA B 334 9.33 -16.14 28.54
C ALA B 334 8.86 -17.18 29.55
N GLY B 335 9.47 -18.36 29.49
CA GLY B 335 9.02 -19.51 30.24
C GLY B 335 8.23 -20.43 29.33
N VAL B 336 8.35 -21.74 29.53
CA VAL B 336 7.72 -22.70 28.63
C VAL B 336 6.24 -22.45 28.36
N GLN B 337 5.44 -22.33 29.41
CA GLN B 337 4.00 -22.12 29.24
C GLN B 337 3.71 -20.80 28.52
N GLU B 338 4.47 -19.76 28.83
CA GLU B 338 4.24 -18.45 28.25
C GLU B 338 4.66 -18.43 26.78
N ASP B 339 5.71 -19.18 26.45
CA ASP B 339 6.16 -19.31 25.05
C ASP B 339 5.08 -19.96 24.21
N ALA B 340 4.42 -20.98 24.77
CA ALA B 340 3.35 -21.65 24.03
C ALA B 340 2.24 -20.66 23.68
N ALA B 341 1.84 -19.84 24.65
CA ALA B 341 0.85 -18.81 24.41
C ALA B 341 1.31 -17.83 23.32
N SER B 342 2.57 -17.40 23.42
CA SER B 342 3.16 -16.47 22.47
C SER B 342 3.12 -16.97 21.03
N LEU B 343 3.37 -18.26 20.86
CA LEU B 343 3.33 -18.86 19.53
C LEU B 343 1.92 -18.86 18.98
N ARG B 344 0.93 -19.01 19.85
CA ARG B 344 -0.45 -18.94 19.41
C ARG B 344 -0.74 -17.52 18.91
N ALA B 345 -0.23 -16.52 19.63
CA ALA B 345 -0.38 -15.12 19.22
C ALA B 345 0.34 -14.85 17.90
N PHE B 346 1.52 -15.42 17.74
CA PHE B 346 2.29 -15.27 16.50
C PHE B 346 1.52 -15.87 15.34
N THR B 347 1.04 -17.09 15.53
CA THR B 347 0.26 -17.78 14.51
C THR B 347 -1.00 -17.00 14.16
N GLU B 348 -1.64 -16.43 15.17
CA GLU B 348 -2.85 -15.64 14.94
C GLU B 348 -2.53 -14.43 14.04
N ALA B 349 -1.42 -13.77 14.34
CA ALA B 349 -0.97 -12.64 13.54
C ALA B 349 -0.67 -13.06 12.10
N MET B 350 0.10 -14.14 11.94
CA MET B 350 0.40 -14.65 10.61
C MET B 350 -0.85 -15.00 9.85
N THR B 351 -1.85 -15.51 10.55
CA THR B 351 -3.10 -15.88 9.90
C THR B 351 -3.83 -14.64 9.40
N ARG B 352 -3.82 -13.57 10.19
CA ARG B 352 -4.42 -12.31 9.75
C ARG B 352 -3.70 -11.77 8.51
N TYR B 353 -2.40 -12.03 8.41
CA TYR B 353 -1.62 -11.58 7.25
C TYR B 353 -1.76 -12.52 6.05
N SER B 354 -2.63 -13.51 6.18
CA SER B 354 -2.78 -14.59 5.20
C SER B 354 -1.50 -15.40 5.10
N ALA B 355 -1.11 -16.00 6.20
CA ALA B 355 -0.05 -17.00 6.19
C ALA B 355 -0.36 -17.99 7.29
N PRO B 356 -1.51 -18.67 7.18
CA PRO B 356 -1.96 -19.64 8.17
C PRO B 356 -1.00 -20.83 8.21
N PRO B 357 -0.91 -21.49 9.36
CA PRO B 357 0.05 -22.59 9.56
C PRO B 357 -0.46 -23.92 9.02
N GLY B 358 0.47 -24.76 8.59
CA GLY B 358 0.14 -26.15 8.30
C GLY B 358 0.12 -26.89 9.63
N ASP B 359 1.28 -27.30 10.10
CA ASP B 359 1.41 -27.86 11.44
C ASP B 359 1.69 -26.70 12.40
N PRO B 360 0.94 -26.64 13.49
CA PRO B 360 1.13 -25.55 14.46
C PRO B 360 2.57 -25.55 14.97
N PRO B 361 3.18 -24.35 15.07
CA PRO B 361 4.57 -24.28 15.54
C PRO B 361 4.70 -24.74 16.98
N GLN B 362 5.85 -25.33 17.32
CA GLN B 362 6.09 -25.73 18.71
C GLN B 362 7.45 -25.22 19.18
N PRO B 363 7.50 -24.68 20.39
CA PRO B 363 8.74 -24.08 20.90
C PRO B 363 9.76 -25.16 21.24
N GLU B 364 11.02 -24.90 20.91
CA GLU B 364 12.10 -25.85 21.18
C GLU B 364 13.18 -25.16 21.99
N TYR B 365 13.86 -25.93 22.83
CA TYR B 365 14.90 -25.40 23.71
C TYR B 365 16.21 -26.17 23.52
N ASP B 366 16.25 -27.01 22.49
CA ASP B 366 17.45 -27.72 22.09
C ASP B 366 17.65 -27.40 20.62
N LEU B 367 18.74 -26.71 20.31
CA LEU B 367 18.95 -26.24 18.93
C LEU B 367 18.95 -27.36 17.91
N GLU B 368 19.50 -28.51 18.28
CA GLU B 368 19.57 -29.64 17.36
C GLU B 368 18.20 -30.17 16.97
N LEU B 369 17.17 -29.81 17.72
CA LEU B 369 15.82 -30.33 17.47
C LEU B 369 14.98 -29.42 16.59
N ILE B 370 15.54 -28.29 16.18
CA ILE B 370 14.83 -27.40 15.27
C ILE B 370 15.17 -27.78 13.82
N THR B 371 14.13 -28.13 13.07
CA THR B 371 14.30 -28.47 11.66
C THR B 371 13.84 -27.30 10.81
N SER B 372 14.78 -26.76 10.03
CA SER B 372 14.49 -25.67 9.10
C SER B 372 15.19 -25.95 7.76
N CYS B 373 14.54 -25.62 6.66
CA CYS B 373 15.02 -26.07 5.35
C CYS B 373 15.28 -27.58 5.36
N SER B 374 14.41 -28.30 6.06
CA SER B 374 14.49 -29.75 6.16
C SER B 374 15.77 -30.25 6.81
N SER B 375 16.51 -29.34 7.44
CA SER B 375 17.79 -29.71 8.02
C SER B 375 17.87 -29.32 9.49
N ASN B 376 18.90 -29.81 10.17
CA ASN B 376 19.15 -29.41 11.54
C ASN B 376 20.65 -29.39 11.82
N VAL B 377 21.03 -28.63 12.85
CA VAL B 377 22.41 -28.62 13.30
C VAL B 377 22.66 -29.86 14.13
N SER B 378 23.80 -30.51 13.92
CA SER B 378 24.22 -31.59 14.80
C SER B 378 25.71 -31.45 15.13
N VAL B 379 26.24 -32.35 15.94
CA VAL B 379 27.63 -32.27 16.37
C VAL B 379 28.36 -33.59 16.15
N ALA B 380 29.62 -33.50 15.72
CA ALA B 380 30.51 -34.65 15.65
C ALA B 380 31.90 -34.21 16.10
N HIS B 381 32.91 -35.04 15.83
CA HIS B 381 34.28 -34.70 16.21
C HIS B 381 35.24 -34.87 15.04
N ASP B 382 36.21 -33.95 14.94
CA ASP B 382 37.22 -34.03 13.88
C ASP B 382 38.38 -34.91 14.31
N ALA B 383 39.43 -34.95 13.49
CA ALA B 383 40.53 -35.87 13.72
C ALA B 383 41.22 -35.63 15.08
N SER B 384 41.18 -34.39 15.53
CA SER B 384 41.86 -34.00 16.77
C SER B 384 40.95 -34.18 17.99
N GLY B 385 39.74 -34.65 17.76
CA GLY B 385 38.78 -34.84 18.83
C GLY B 385 37.96 -33.61 19.17
N LYS B 386 38.22 -32.50 18.48
CA LYS B 386 37.46 -31.26 18.69
C LYS B 386 36.01 -31.40 18.23
N ARG B 387 35.10 -30.74 18.94
CA ARG B 387 33.69 -30.71 18.55
C ARG B 387 33.48 -29.84 17.31
N VAL B 388 32.68 -30.35 16.38
CA VAL B 388 32.42 -29.66 15.13
C VAL B 388 30.91 -29.67 14.88
N TYR B 389 30.32 -28.48 14.72
CA TYR B 389 28.92 -28.39 14.34
C TYR B 389 28.80 -28.47 12.82
N TYR B 390 27.77 -29.15 12.34
CA TYR B 390 27.60 -29.33 10.90
C TYR B 390 26.11 -29.50 10.60
N LEU B 391 25.71 -29.35 9.34
CA LEU B 391 24.31 -29.46 8.96
C LEU B 391 23.97 -30.86 8.46
N THR B 392 22.89 -31.44 8.98
CA THR B 392 22.44 -32.73 8.52
C THR B 392 20.93 -32.71 8.25
N ARG B 393 20.36 -33.85 7.87
CA ARG B 393 18.91 -33.98 7.71
C ARG B 393 18.52 -35.45 7.74
N ASP B 394 17.24 -35.72 7.87
CA ASP B 394 16.76 -37.08 7.76
C ASP B 394 17.10 -37.60 6.36
N PRO B 395 17.73 -38.79 6.28
CA PRO B 395 18.24 -39.27 5.00
C PRO B 395 17.22 -39.99 4.12
N THR B 396 15.98 -40.06 4.58
CA THR B 396 14.96 -40.86 3.88
C THR B 396 14.73 -40.39 2.44
N THR B 397 14.43 -39.12 2.26
CA THR B 397 14.19 -38.60 0.92
C THR B 397 15.43 -38.64 0.02
N PRO B 398 16.59 -38.24 0.56
CA PRO B 398 17.82 -38.42 -0.23
C PRO B 398 18.05 -39.86 -0.72
N LEU B 399 17.78 -40.85 0.14
CA LEU B 399 18.02 -42.23 -0.24
C LEU B 399 16.95 -42.76 -1.20
N ALA B 400 15.70 -42.36 -1.00
CA ALA B 400 14.64 -42.72 -1.95
C ALA B 400 14.96 -42.19 -3.34
N ARG B 401 15.42 -40.94 -3.38
CA ARG B 401 15.78 -40.33 -4.67
C ARG B 401 17.01 -40.99 -5.30
N ALA B 402 17.98 -41.34 -4.46
CA ALA B 402 19.18 -42.04 -4.93
C ALA B 402 18.81 -43.37 -5.58
N ALA B 403 17.83 -44.04 -5.02
CA ALA B 403 17.38 -45.33 -5.57
C ALA B 403 16.79 -45.14 -6.96
N TRP B 404 16.01 -44.08 -7.13
CA TRP B 404 15.42 -43.81 -8.43
C TRP B 404 16.54 -43.51 -9.43
N GLU B 405 17.51 -42.72 -8.98
CA GLU B 405 18.63 -42.31 -9.83
C GLU B 405 19.59 -43.47 -10.12
N THR B 406 19.54 -44.52 -9.32
CA THR B 406 20.35 -45.72 -9.57
C THR B 406 19.89 -46.44 -10.84
N ALA B 407 18.59 -46.33 -11.13
CA ALA B 407 18.01 -47.08 -12.24
C ALA B 407 17.62 -46.21 -13.45
N ARG B 408 17.57 -44.90 -13.25
CA ARG B 408 17.12 -43.99 -14.31
C ARG B 408 17.98 -42.75 -14.36
N HIS B 409 18.30 -42.30 -15.57
CA HIS B 409 18.93 -41.00 -15.72
C HIS B 409 17.85 -39.92 -15.60
N THR B 410 18.12 -38.91 -14.79
CA THR B 410 17.12 -37.89 -14.50
C THR B 410 17.70 -36.52 -14.78
N PRO B 411 16.84 -35.50 -14.99
CA PRO B 411 17.31 -34.15 -15.33
C PRO B 411 18.23 -33.58 -14.26
N VAL B 412 17.91 -33.86 -13.00
CA VAL B 412 18.70 -33.34 -11.87
C VAL B 412 19.15 -34.51 -11.02
N ASN B 413 20.44 -34.56 -10.71
CA ASN B 413 20.96 -35.64 -9.90
C ASN B 413 21.01 -35.23 -8.45
N SER B 414 19.98 -35.64 -7.69
CA SER B 414 19.91 -35.24 -6.29
C SER B 414 21.04 -35.82 -5.45
N TRP B 415 21.52 -37.01 -5.80
CA TRP B 415 22.63 -37.60 -5.06
C TRP B 415 23.87 -36.70 -5.09
N LEU B 416 24.09 -36.01 -6.21
CA LEU B 416 25.26 -35.15 -6.35
C LEU B 416 25.08 -33.88 -5.52
N GLY B 417 23.90 -33.28 -5.61
CA GLY B 417 23.60 -32.10 -4.81
C GLY B 417 23.69 -32.44 -3.32
N ASN B 418 23.16 -33.61 -2.95
CA ASN B 418 23.22 -34.05 -1.56
C ASN B 418 24.63 -34.31 -1.03
N ILE B 419 25.50 -34.89 -1.84
CA ILE B 419 26.90 -35.05 -1.42
C ILE B 419 27.54 -33.68 -1.21
N ILE B 420 27.27 -32.74 -2.09
CA ILE B 420 27.85 -31.42 -1.95
C ILE B 420 27.35 -30.72 -0.68
N MET B 421 26.05 -30.74 -0.45
CA MET B 421 25.48 -29.96 0.65
C MET B 421 25.65 -30.68 1.99
N TYR B 422 25.66 -32.00 1.95
CA TYR B 422 25.71 -32.81 3.17
C TYR B 422 26.95 -33.69 3.27
N ALA B 423 28.04 -33.21 2.67
CA ALA B 423 29.28 -33.97 2.64
C ALA B 423 29.78 -34.47 4.00
N PRO B 424 29.65 -33.65 5.07
CA PRO B 424 30.18 -34.09 6.37
C PRO B 424 29.33 -35.15 7.08
N THR B 425 28.15 -35.47 6.54
CA THR B 425 27.22 -36.31 7.28
C THR B 425 27.57 -37.80 7.23
N LEU B 426 27.06 -38.54 8.21
CA LEU B 426 27.35 -39.97 8.32
C LEU B 426 26.78 -40.69 7.11
N TRP B 427 25.58 -40.29 6.72
CA TRP B 427 24.84 -40.99 5.67
C TRP B 427 25.32 -40.68 4.24
N ALA B 428 25.69 -39.42 3.98
CA ALA B 428 26.16 -39.07 2.65
C ALA B 428 27.49 -39.74 2.36
N ARG B 429 28.34 -39.80 3.39
CA ARG B 429 29.65 -40.41 3.22
C ARG B 429 29.61 -41.94 3.13
N MET B 430 28.86 -42.56 4.04
CA MET B 430 28.83 -44.02 4.10
C MET B 430 28.14 -44.60 2.88
N ILE B 431 27.07 -43.94 2.47
CA ILE B 431 26.17 -44.52 1.47
C ILE B 431 26.25 -43.83 0.11
N LEU B 432 25.94 -42.54 0.03
CA LEU B 432 25.90 -41.88 -1.28
C LEU B 432 27.25 -41.89 -2.00
N MET B 433 28.31 -41.48 -1.31
CA MET B 433 29.61 -41.46 -1.94
C MET B 433 30.01 -42.85 -2.44
N THR B 434 29.89 -43.85 -1.57
CA THR B 434 30.33 -45.20 -1.88
C THR B 434 29.56 -45.78 -3.06
N HIS B 435 28.24 -45.68 -2.97
CA HIS B 435 27.34 -46.20 -4.00
C HIS B 435 27.57 -45.58 -5.37
N PHE B 436 27.55 -44.24 -5.44
CA PHE B 436 27.67 -43.61 -6.75
C PHE B 436 29.08 -43.61 -7.33
N PHE B 437 30.12 -43.56 -6.49
CA PHE B 437 31.44 -43.70 -7.06
C PHE B 437 31.66 -45.10 -7.63
N SER B 438 31.05 -46.09 -6.98
CA SER B 438 31.09 -47.47 -7.50
C SER B 438 30.46 -47.54 -8.89
N ILE B 439 29.30 -46.92 -9.03
CA ILE B 439 28.61 -46.87 -10.32
C ILE B 439 29.41 -46.15 -11.39
N LEU B 440 29.96 -44.97 -11.05
CA LEU B 440 30.74 -44.19 -12.00
C LEU B 440 32.00 -44.92 -12.46
N LEU B 441 32.64 -45.62 -11.52
CA LEU B 441 33.84 -46.37 -11.84
C LEU B 441 33.51 -47.41 -12.90
N ALA B 442 32.42 -48.13 -12.65
CA ALA B 442 32.01 -49.24 -13.51
C ALA B 442 31.74 -48.82 -14.95
N GLN B 443 31.24 -47.59 -15.12
CA GLN B 443 30.88 -47.07 -16.43
C GLN B 443 31.93 -46.11 -16.97
N GLU B 444 33.02 -45.96 -16.22
CA GLU B 444 34.07 -44.99 -16.57
C GLU B 444 33.48 -43.63 -16.90
N GLN B 445 32.69 -43.10 -15.97
CA GLN B 445 32.05 -41.80 -16.13
C GLN B 445 32.43 -40.82 -15.03
N LEU B 446 33.54 -41.08 -14.35
CA LEU B 446 34.06 -40.16 -13.35
C LEU B 446 34.16 -38.71 -13.88
N GLU B 447 34.48 -38.55 -15.16
CA GLU B 447 34.74 -37.22 -15.72
C GLU B 447 33.52 -36.54 -16.35
N LYS B 448 32.44 -37.29 -16.57
CA LYS B 448 31.25 -36.72 -17.20
C LYS B 448 30.52 -35.75 -16.28
N ALA B 449 30.42 -34.50 -16.72
CA ALA B 449 29.71 -33.47 -15.96
C ALA B 449 28.23 -33.83 -15.80
N LEU B 450 27.69 -33.63 -14.60
CA LEU B 450 26.29 -33.93 -14.32
C LEU B 450 25.58 -32.71 -13.76
N ASP B 451 24.28 -32.59 -14.03
CA ASP B 451 23.51 -31.47 -13.49
C ASP B 451 23.01 -31.76 -12.08
N CYS B 452 23.15 -30.78 -11.20
CA CYS B 452 22.50 -30.86 -9.90
C CYS B 452 21.96 -29.47 -9.55
N GLN B 453 21.27 -29.36 -8.41
CA GLN B 453 20.69 -28.07 -8.00
C GLN B 453 21.18 -27.66 -6.62
N ILE B 454 21.55 -26.40 -6.49
CA ILE B 454 21.93 -25.83 -5.20
C ILE B 454 21.13 -24.55 -5.02
N TYR B 455 20.34 -24.53 -3.95
CA TYR B 455 19.38 -23.44 -3.71
C TYR B 455 18.57 -23.09 -4.97
N GLY B 456 18.13 -24.11 -5.70
CA GLY B 456 17.19 -23.91 -6.79
C GLY B 456 17.84 -23.71 -8.15
N ALA B 457 19.09 -23.28 -8.14
CA ALA B 457 19.83 -23.04 -9.38
C ALA B 457 20.55 -24.30 -9.84
N CYS B 458 20.69 -24.43 -11.16
CA CYS B 458 21.30 -25.62 -11.76
C CYS B 458 22.78 -25.42 -12.02
N TYR B 459 23.60 -26.39 -11.61
CA TYR B 459 25.04 -26.37 -11.85
C TYR B 459 25.45 -27.66 -12.54
N SER B 460 26.34 -27.55 -13.51
CA SER B 460 26.92 -28.72 -14.15
C SER B 460 28.28 -29.00 -13.49
N ILE B 461 28.45 -30.20 -12.92
CA ILE B 461 29.58 -30.50 -12.06
C ILE B 461 30.20 -31.86 -12.38
N GLU B 462 31.52 -31.91 -12.48
CA GLU B 462 32.21 -33.19 -12.65
C GLU B 462 32.47 -33.84 -11.30
N PRO B 463 32.05 -35.11 -11.16
CA PRO B 463 32.23 -35.78 -9.86
C PRO B 463 33.68 -35.78 -9.42
N LEU B 464 34.62 -35.81 -10.36
CA LEU B 464 36.04 -35.83 -10.00
C LEU B 464 36.45 -34.59 -9.20
N ASP B 465 35.68 -33.51 -9.33
CA ASP B 465 35.96 -32.28 -8.59
C ASP B 465 35.41 -32.27 -7.17
N LEU B 466 34.69 -33.32 -6.78
CA LEU B 466 34.05 -33.33 -5.46
C LEU B 466 34.99 -33.06 -4.26
N PRO B 467 36.17 -33.71 -4.21
CA PRO B 467 36.99 -33.44 -3.02
C PRO B 467 37.36 -31.95 -2.89
N GLN B 468 37.69 -31.31 -4.01
CA GLN B 468 38.01 -29.87 -3.99
C GLN B 468 36.79 -29.04 -3.57
N ILE B 469 35.64 -29.35 -4.13
CA ILE B 469 34.42 -28.63 -3.80
C ILE B 469 34.11 -28.78 -2.31
N ILE B 470 34.24 -29.99 -1.80
CA ILE B 470 33.93 -30.26 -0.40
C ILE B 470 34.91 -29.55 0.52
N GLU B 471 36.20 -29.58 0.18
CA GLU B 471 37.19 -28.87 0.98
C GLU B 471 36.85 -27.37 1.04
N ARG B 472 36.54 -26.78 -0.11
CA ARG B 472 36.25 -25.35 -0.17
C ARG B 472 35.04 -25.00 0.69
N LEU B 473 34.00 -25.83 0.64
CA LEU B 473 32.74 -25.55 1.31
C LEU B 473 32.72 -25.90 2.79
N HIS B 474 33.35 -27.03 3.14
CA HIS B 474 33.19 -27.63 4.47
C HIS B 474 34.50 -27.72 5.25
N GLY B 475 35.62 -27.56 4.57
CA GLY B 475 36.92 -27.73 5.20
C GLY B 475 37.35 -29.20 5.22
N LEU B 476 38.59 -29.45 5.60
CA LEU B 476 39.13 -30.81 5.59
C LEU B 476 38.46 -31.69 6.63
N SER B 477 37.85 -31.06 7.63
CA SER B 477 37.19 -31.82 8.69
C SER B 477 36.09 -32.71 8.12
N ALA B 478 35.49 -32.29 7.01
CA ALA B 478 34.45 -33.09 6.35
C ALA B 478 34.92 -34.52 6.04
N PHE B 479 36.22 -34.70 5.88
CA PHE B 479 36.78 -36.00 5.55
C PHE B 479 37.20 -36.80 6.80
N SER B 480 36.98 -36.25 7.99
CA SER B 480 37.48 -36.84 9.24
C SER B 480 36.43 -36.94 10.36
N LEU B 481 35.22 -36.47 10.12
CA LEU B 481 34.21 -36.49 11.19
C LEU B 481 33.90 -37.92 11.64
N HIS B 482 33.75 -38.08 12.95
CA HIS B 482 33.40 -39.35 13.56
C HIS B 482 32.81 -39.04 14.94
N SER B 483 32.47 -40.08 15.70
CA SER B 483 31.78 -39.90 16.97
C SER B 483 30.58 -38.98 16.79
N TYR B 484 29.69 -39.35 15.87
CA TYR B 484 28.47 -38.61 15.64
C TYR B 484 27.53 -38.72 16.85
N SER B 485 26.53 -37.87 16.91
CA SER B 485 25.64 -37.83 18.06
C SER B 485 24.71 -39.05 18.11
N PRO B 486 24.34 -39.48 19.32
CA PRO B 486 23.44 -40.64 19.42
C PRO B 486 22.12 -40.44 18.70
N GLY B 487 21.58 -39.22 18.73
CA GLY B 487 20.34 -38.90 18.05
C GLY B 487 20.47 -39.06 16.54
N GLU B 488 21.61 -38.62 16.01
CA GLU B 488 21.88 -38.71 14.57
C GLU B 488 22.11 -40.16 14.14
N ILE B 489 22.93 -40.88 14.91
CA ILE B 489 23.20 -42.28 14.59
C ILE B 489 21.87 -43.04 14.58
N ASN B 490 21.06 -42.83 15.60
CA ASN B 490 19.76 -43.49 15.69
C ASN B 490 18.83 -43.15 14.53
N ARG B 491 18.84 -41.91 14.09
CA ARG B 491 17.98 -41.53 12.96
C ARG B 491 18.44 -42.23 11.69
N VAL B 492 19.73 -42.23 11.44
CA VAL B 492 20.26 -42.90 10.25
C VAL B 492 19.98 -44.40 10.31
N ALA B 493 20.19 -45.01 11.48
CA ALA B 493 19.94 -46.44 11.63
C ALA B 493 18.49 -46.80 11.36
N SER B 494 17.57 -46.04 11.96
CA SER B 494 16.15 -46.25 11.73
C SER B 494 15.77 -46.20 10.24
N CYS B 495 16.36 -45.24 9.54
CA CYS B 495 16.10 -45.09 8.12
C CYS B 495 16.64 -46.29 7.36
N LEU B 496 17.82 -46.76 7.74
CA LEU B 496 18.42 -47.87 7.00
C LEU B 496 17.55 -49.11 7.13
N ARG B 497 16.97 -49.33 8.31
CA ARG B 497 16.19 -50.55 8.47
C ARG B 497 14.80 -50.38 7.84
N LYS B 498 14.30 -49.15 7.84
CA LYS B 498 13.03 -48.84 7.18
C LYS B 498 13.09 -49.14 5.68
N LEU B 499 14.15 -48.67 5.04
CA LEU B 499 14.29 -48.82 3.59
C LEU B 499 14.96 -50.14 3.20
N GLY B 500 15.60 -50.80 4.16
CA GLY B 500 16.27 -52.06 3.87
C GLY B 500 17.62 -51.84 3.19
N VAL B 501 18.40 -50.91 3.72
CA VAL B 501 19.71 -50.56 3.21
C VAL B 501 20.75 -51.42 3.92
N PRO B 502 21.79 -51.88 3.20
CA PRO B 502 22.77 -52.76 3.83
C PRO B 502 23.56 -52.09 4.97
N PRO B 503 24.10 -52.90 5.89
CA PRO B 503 24.79 -52.41 7.09
C PRO B 503 26.18 -51.83 6.84
N LEU B 504 26.73 -51.18 7.86
CA LEU B 504 28.06 -50.57 7.79
C LEU B 504 29.16 -51.49 7.24
N ARG B 505 29.22 -52.73 7.71
CA ARG B 505 30.27 -53.64 7.23
C ARG B 505 30.27 -53.75 5.71
N VAL B 506 29.09 -53.78 5.11
CA VAL B 506 28.97 -53.85 3.65
C VAL B 506 29.51 -52.56 3.00
N TRP B 507 29.01 -51.41 3.45
CA TRP B 507 29.48 -50.13 2.92
C TRP B 507 30.98 -49.93 3.10
N ARG B 508 31.52 -50.34 4.24
CA ARG B 508 32.95 -50.23 4.47
C ARG B 508 33.73 -51.08 3.48
N HIS B 509 33.27 -52.32 3.23
CA HIS B 509 33.96 -53.18 2.27
C HIS B 509 33.91 -52.57 0.87
N ARG B 510 32.74 -52.12 0.47
CA ARG B 510 32.58 -51.48 -0.84
C ARG B 510 33.45 -50.23 -0.96
N ALA B 511 33.50 -49.43 0.10
CA ALA B 511 34.31 -48.22 0.10
C ALA B 511 35.78 -48.54 -0.12
N ARG B 512 36.27 -49.59 0.52
CA ARG B 512 37.67 -49.97 0.36
C ARG B 512 37.99 -50.34 -1.08
N SER B 513 37.07 -51.05 -1.72
CA SER B 513 37.23 -51.49 -3.09
C SER B 513 37.21 -50.32 -4.04
N VAL B 514 36.23 -49.44 -3.86
CA VAL B 514 36.15 -48.24 -4.67
C VAL B 514 37.39 -47.39 -4.49
N ARG B 515 37.82 -47.24 -3.24
CA ARG B 515 38.99 -46.44 -2.93
C ARG B 515 40.24 -46.98 -3.64
N ALA B 516 40.48 -48.28 -3.51
CA ALA B 516 41.62 -48.92 -4.16
C ALA B 516 41.66 -48.67 -5.67
N ARG B 517 40.52 -48.83 -6.32
CA ARG B 517 40.44 -48.61 -7.76
C ARG B 517 40.62 -47.15 -8.16
N LEU B 518 40.09 -46.22 -7.37
CA LEU B 518 40.33 -44.81 -7.61
C LEU B 518 41.81 -44.47 -7.48
N LEU B 519 42.45 -45.01 -6.44
CA LEU B 519 43.87 -44.73 -6.21
C LEU B 519 44.70 -45.13 -7.42
N SER B 520 44.39 -46.29 -8.03
CA SER B 520 45.18 -46.80 -9.14
C SER B 520 45.15 -45.89 -10.36
N GLN B 521 44.10 -45.06 -10.46
CA GLN B 521 43.92 -44.23 -11.65
C GLN B 521 44.76 -42.96 -11.64
N GLY B 522 45.28 -42.58 -10.48
CA GLY B 522 46.06 -41.37 -10.35
C GLY B 522 45.21 -40.13 -10.49
N GLY B 523 45.86 -38.97 -10.52
CA GLY B 523 45.18 -37.70 -10.76
C GLY B 523 44.04 -37.38 -9.82
N ARG B 524 42.98 -36.76 -10.37
CA ARG B 524 41.82 -36.40 -9.58
C ARG B 524 41.11 -37.62 -9.03
N ALA B 525 41.08 -38.71 -9.80
CA ALA B 525 40.50 -39.96 -9.34
C ALA B 525 41.15 -40.42 -8.05
N ALA B 526 42.49 -40.39 -8.01
CA ALA B 526 43.19 -40.78 -6.79
C ALA B 526 42.82 -39.90 -5.60
N THR B 527 42.69 -38.61 -5.85
CA THR B 527 42.26 -37.67 -4.80
C THR B 527 40.88 -38.08 -4.25
N CYS B 528 39.96 -38.45 -5.15
CA CYS B 528 38.66 -38.95 -4.70
C CYS B 528 38.79 -40.13 -3.77
N GLY B 529 39.63 -41.10 -4.13
CA GLY B 529 39.84 -42.26 -3.29
C GLY B 529 40.46 -41.89 -1.95
N LYS B 530 41.49 -41.07 -2.00
CA LYS B 530 42.23 -40.69 -0.79
C LYS B 530 41.38 -39.88 0.21
N TYR B 531 40.64 -38.90 -0.29
CA TYR B 531 39.91 -37.99 0.57
C TYR B 531 38.51 -38.48 0.94
N LEU B 532 37.75 -38.91 -0.05
CA LEU B 532 36.36 -39.30 0.19
C LEU B 532 36.22 -40.54 1.07
N PHE B 533 37.17 -41.47 0.96
CA PHE B 533 37.04 -42.77 1.57
C PHE B 533 38.11 -43.07 2.62
N ASN B 534 38.76 -42.03 3.14
CA ASN B 534 39.76 -42.24 4.18
C ASN B 534 39.11 -42.90 5.40
N TRP B 535 37.82 -42.62 5.61
CA TRP B 535 37.08 -43.17 6.76
C TRP B 535 37.05 -44.70 6.75
N ALA B 536 37.24 -45.28 5.57
CA ALA B 536 37.00 -46.70 5.39
C ALA B 536 38.21 -47.59 5.69
N VAL B 537 39.40 -47.00 5.72
CA VAL B 537 40.63 -47.79 5.86
C VAL B 537 41.10 -47.86 7.31
N LYS B 538 41.83 -48.92 7.64
CA LYS B 538 42.32 -49.13 9.00
C LYS B 538 43.36 -48.07 9.37
N THR B 539 44.28 -47.82 8.45
CA THR B 539 45.36 -46.86 8.69
C THR B 539 45.12 -45.59 7.89
N LYS B 540 44.53 -44.60 8.55
CA LYS B 540 44.16 -43.35 7.89
C LYS B 540 45.35 -42.49 7.46
N LEU B 541 45.20 -41.83 6.32
CA LEU B 541 46.16 -40.83 5.90
C LEU B 541 45.85 -39.54 6.66
N LYS B 542 46.85 -38.69 6.85
CA LYS B 542 46.59 -37.35 7.38
C LYS B 542 46.35 -36.44 6.19
N LEU B 543 45.08 -36.11 5.94
CA LEU B 543 44.73 -35.37 4.75
C LEU B 543 45.18 -33.91 4.83
N THR B 544 45.71 -33.41 3.72
CA THR B 544 46.22 -32.06 3.60
C THR B 544 45.47 -31.30 2.51
N PRO B 545 45.56 -29.96 2.51
CA PRO B 545 44.84 -29.15 1.51
C PRO B 545 45.15 -29.56 0.08
N ILE B 546 44.12 -29.56 -0.77
CA ILE B 546 44.29 -29.92 -2.18
C ILE B 546 44.66 -28.70 -3.01
N PRO B 547 45.85 -28.73 -3.64
CA PRO B 547 46.44 -27.61 -4.39
C PRO B 547 45.50 -26.93 -5.37
N ALA B 548 44.79 -27.71 -6.18
CA ALA B 548 43.95 -27.15 -7.23
C ALA B 548 42.62 -26.56 -6.72
N ALA B 549 42.29 -26.82 -5.46
CA ALA B 549 40.99 -26.41 -4.91
C ALA B 549 40.70 -24.91 -5.03
N SER B 550 41.74 -24.10 -4.90
CA SER B 550 41.60 -22.65 -4.91
C SER B 550 41.21 -22.10 -6.28
N GLN B 551 41.36 -22.90 -7.33
CA GLN B 551 41.08 -22.41 -8.67
C GLN B 551 39.62 -22.56 -9.10
N LEU B 552 38.82 -23.21 -8.25
CA LEU B 552 37.39 -23.30 -8.53
C LEU B 552 36.74 -21.96 -8.27
N ASP B 553 35.93 -21.49 -9.21
CA ASP B 553 35.18 -20.25 -9.04
C ASP B 553 33.84 -20.54 -8.40
N LEU B 554 33.77 -20.42 -7.08
CA LEU B 554 32.56 -20.70 -6.33
C LEU B 554 31.92 -19.41 -5.88
N SER B 555 32.42 -18.30 -6.42
CA SER B 555 31.87 -16.98 -6.12
C SER B 555 30.63 -16.82 -6.98
N GLY B 556 29.48 -17.20 -6.43
CA GLY B 556 28.24 -17.28 -7.18
C GLY B 556 27.37 -18.34 -6.55
N TRP B 557 28.03 -19.28 -5.87
CA TRP B 557 27.33 -20.22 -5.03
C TRP B 557 26.97 -19.48 -3.73
N PHE B 558 25.83 -19.82 -3.17
CA PHE B 558 25.40 -19.24 -1.90
C PHE B 558 25.39 -17.72 -1.90
N VAL B 559 24.73 -17.15 -2.92
CA VAL B 559 24.45 -15.73 -2.95
C VAL B 559 22.96 -15.48 -2.77
N ALA B 560 22.16 -16.25 -3.50
CA ALA B 560 20.71 -16.07 -3.47
C ALA B 560 19.99 -17.37 -3.85
N GLY B 561 18.69 -17.41 -3.61
CA GLY B 561 17.88 -18.57 -3.99
C GLY B 561 17.19 -18.33 -5.31
N TYR B 562 16.98 -19.39 -6.09
CA TYR B 562 16.41 -19.27 -7.43
C TYR B 562 15.43 -20.39 -7.75
N SER B 563 14.85 -20.99 -6.72
CA SER B 563 13.89 -22.08 -6.93
C SER B 563 12.77 -21.67 -7.89
N GLY B 564 12.55 -22.46 -8.94
CA GLY B 564 11.56 -22.16 -9.95
C GLY B 564 12.01 -21.09 -10.94
N GLY B 565 13.22 -20.57 -10.76
CA GLY B 565 13.67 -19.39 -11.49
C GLY B 565 14.45 -19.63 -12.77
N ASP B 566 14.60 -20.88 -13.19
CA ASP B 566 15.21 -21.17 -14.49
C ASP B 566 16.64 -20.63 -14.59
N ILE B 567 17.46 -20.87 -13.56
CA ILE B 567 18.84 -20.36 -13.55
C ILE B 567 19.86 -21.49 -13.70
N TYR B 568 20.90 -21.27 -14.50
CA TYR B 568 21.95 -22.28 -14.72
C TYR B 568 23.37 -21.70 -14.72
N HIS B 569 24.33 -22.49 -14.23
CA HIS B 569 25.76 -22.19 -14.36
C HIS B 569 26.55 -23.48 -14.60
N SER B 570 27.65 -23.38 -15.34
CA SER B 570 28.64 -24.46 -15.39
C SER B 570 29.82 -24.11 -14.48
N LEU B 571 30.26 -25.07 -13.67
CA LEU B 571 31.38 -24.83 -12.78
C LEU B 571 32.69 -24.70 -13.56
N SER B 572 33.35 -23.55 -13.42
CA SER B 572 34.57 -23.27 -14.16
C SER B 572 35.78 -23.09 -13.25
C12 0S2 C . -46.33 34.69 6.63
C11 0S2 C . -45.68 35.96 6.12
C14 0S2 C . -43.58 36.39 4.76
C13 0S2 C . -45.91 37.11 7.12
C15 0S2 C . -42.07 36.18 4.60
C17 0S2 C . -41.40 37.44 5.19
C18 0S2 C . -39.89 37.44 5.02
C19 0S2 C . -39.50 37.21 3.57
C20 0S2 C . -40.17 35.94 3.00
C21 0S2 C . -41.69 36.01 3.13
C01 0S2 C . -41.41 34.68 9.86
C02 0S2 C . -42.82 35.48 7.96
C03 0S2 C . -42.14 34.49 8.65
S04 0S2 C . -42.25 32.99 7.86
C05 0S2 C . -43.21 33.63 6.60
C06 0S2 C . -43.44 35.00 6.75
N07 0S2 C . -44.22 35.79 5.87
C08 0S2 C . -43.64 32.75 5.52
O09 0S2 C . -43.52 31.44 5.85
O10 0S2 C . -44.00 33.09 4.41
O16 0S2 C . -44.17 37.10 3.94
C22 0S2 C . -37.97 37.16 3.43
C23 0S2 C . -40.79 34.79 10.89
C24 0S2 C . -40.02 34.93 12.13
C25 0S2 C . -39.59 36.39 12.34
C26 0S2 C . -40.88 34.45 13.32
C27 0S2 C . -38.75 34.06 12.05
C12 0S2 D . 32.22 -45.78 15.55
C11 0S2 D . 32.75 -46.12 14.16
C14 0S2 D . 32.88 -44.76 12.03
C13 0S2 D . 32.55 -47.60 13.85
C15 0S2 D . 32.15 -43.94 10.96
C17 0S2 D . 31.91 -44.89 9.76
C18 0S2 D . 31.29 -44.18 8.55
C19 0S2 D . 32.12 -42.97 8.13
C20 0S2 D . 32.27 -42.01 9.32
C21 0S2 D . 32.95 -42.71 10.51
C01 0S2 D . 27.21 -45.91 12.34
C02 0S2 D . 29.70 -45.83 12.57
C03 0S2 D . 28.43 -45.33 12.79
S04 0S2 D . 28.48 -43.88 13.69
C05 0S2 D . 30.18 -43.90 13.78
C06 0S2 D . 30.73 -45.02 13.15
N07 0S2 D . 32.13 -45.30 13.10
C08 0S2 D . 30.87 -42.81 14.46
O09 0S2 D . 30.06 -42.09 15.28
O10 0S2 D . 32.04 -42.50 14.29
O16 0S2 D . 34.10 -44.96 11.91
C22 0S2 D . 31.45 -42.28 6.94
C23 0S2 D . 26.15 -46.38 11.98
C24 0S2 D . 24.85 -46.93 11.54
C25 0S2 D . 24.23 -47.75 12.68
C26 0S2 D . 23.89 -45.77 11.17
C27 0S2 D . 25.07 -47.82 10.30
#